data_4ECO
#
_entry.id   4ECO
#
_cell.length_a   125.843
_cell.length_b   193.663
_cell.length_c   68.192
_cell.angle_alpha   90.000
_cell.angle_beta   90.000
_cell.angle_gamma   90.000
#
_symmetry.space_group_name_H-M   'P 21 21 2'
#
loop_
_entity.id
_entity.type
_entity.pdbx_description
1 polymer 'Uncharacterized protein'
2 non-polymer 'SODIUM ION'
3 water water
#
_entity_poly.entity_id   1
_entity_poly.type   'polypeptide(L)'
_entity_poly.pdbx_seq_one_letter_code
;GGEQFTVKDNALTDDAIVPIKLSRTAEYIKDYLALKEIWDALNGKNWSQQGFGTQPGANWNFNKELD(MSE)WGAQPGVS
LNSNGRVTGLSLEGFGASGRVPDAIGQLTELEVLALGSHGEKVNERLFGPKGISAN(MSE)SDEQKQK(MSE)R(MSE)H
YQKTFVDYDPREDFSDLIKDCINSDPQQKSIKKSSRITLKDTQIGQLSNNITFVSKAV(MSE)RLTKLRQFY(MSE)GNS
PFVAENICEAWENENSEYAQQYKTEDLKWDNLKDLTDVEVYNCPNLTKLPTFLKALPE(MSE)QLINVACNRGISGEQLK
DDWQALADAPVGEKIQIIYIGYNNLKTFPVETSLQK(MSE)KKLG(MSE)LECLYNQLEGKLPAFGSEIKLASLNLAYNQ
ITEIPANFCGFTEQVENLSFAHNKLKYIPNIFDAKSVSV(MSE)SAIDFSYNEIGSVDGKNFDPLDPTPFKGINVSSINL
SNNQISKFPKELFSTGSPLSSINL(MSE)GN(MSE)LTEIPKNSLKDENENFKNTYLLTSIDLRFNKLTKLSDDFRATTL
PYLVGIDLSYNSFSKFPTQPLNSSTLKGFGIRNQRDAQGNRTLREWPEGITLCPSLTQLQIGSNDIRKVNEKITPNISVL
DIKDNPNISIDLSYVCPYIEAG(MSE)Y(MSE)LFYDKTQDIRGCDALDIKR
;
_entity_poly.pdbx_strand_id   A,B
#
# COMPACT_ATOMS: atom_id res chain seq x y z
N THR A 6 -52.93 41.78 9.39
CA THR A 6 -52.68 42.74 10.46
C THR A 6 -53.98 43.40 10.91
N VAL A 7 -54.09 43.62 12.22
CA VAL A 7 -55.23 44.26 12.90
C VAL A 7 -54.75 45.60 13.52
N LYS A 8 -55.67 46.55 13.70
CA LYS A 8 -55.44 47.88 14.30
C LYS A 8 -56.51 48.11 15.38
N ASP A 9 -56.31 49.13 16.25
CA ASP A 9 -57.29 49.46 17.29
C ASP A 9 -57.87 50.89 17.05
N ASN A 10 -59.18 51.11 17.30
CA ASN A 10 -59.80 52.43 17.11
C ASN A 10 -60.43 52.94 18.40
N ASP A 15 -62.30 50.32 22.98
CA ASP A 15 -61.46 49.45 22.15
C ASP A 15 -62.31 48.72 21.08
N ALA A 16 -61.75 48.62 19.85
CA ALA A 16 -62.31 47.95 18.66
C ALA A 16 -61.20 47.43 17.75
N ILE A 17 -61.28 46.15 17.33
CA ILE A 17 -60.27 45.58 16.43
C ILE A 17 -60.71 45.84 15.00
N VAL A 18 -59.81 46.44 14.19
CA VAL A 18 -60.06 46.81 12.79
C VAL A 18 -59.04 46.05 11.90
N PRO A 19 -59.47 45.11 11.03
CA PRO A 19 -58.49 44.40 10.21
C PRO A 19 -58.01 45.27 9.04
N ILE A 20 -56.67 45.41 8.93
CA ILE A 20 -55.99 46.17 7.88
C ILE A 20 -55.77 45.25 6.69
N LYS A 21 -56.38 45.57 5.53
CA LYS A 21 -56.27 44.78 4.30
C LYS A 21 -54.77 44.62 3.95
N LEU A 22 -54.32 43.36 3.79
CA LEU A 22 -52.92 43.04 3.51
C LEU A 22 -52.53 43.45 2.09
N SER A 23 -51.33 44.05 1.94
CA SER A 23 -50.77 44.40 0.64
C SER A 23 -50.19 43.12 0.04
N ARG A 24 -51.03 42.41 -0.76
CA ARG A 24 -50.74 41.13 -1.42
C ARG A 24 -49.70 41.38 -2.53
N THR A 25 -48.48 41.70 -2.08
CA THR A 25 -47.33 42.06 -2.89
C THR A 25 -46.74 40.81 -3.60
N ALA A 26 -46.49 40.94 -4.93
CA ALA A 26 -45.94 39.90 -5.81
C ALA A 26 -44.51 39.54 -5.44
N GLU A 27 -44.11 38.27 -5.62
CA GLU A 27 -42.81 37.73 -5.23
C GLU A 27 -41.64 38.43 -5.92
N TYR A 28 -41.76 38.70 -7.22
CA TYR A 28 -40.67 39.35 -7.94
C TYR A 28 -40.43 40.78 -7.36
N ILE A 29 -41.49 41.47 -6.90
CA ILE A 29 -41.39 42.76 -6.24
C ILE A 29 -40.65 42.58 -4.86
N LYS A 30 -41.05 41.55 -4.08
CA LYS A 30 -40.45 41.25 -2.78
C LYS A 30 -38.91 41.02 -2.94
N ASP A 31 -38.49 40.41 -4.08
CA ASP A 31 -37.11 40.14 -4.46
C ASP A 31 -36.31 41.40 -4.64
N TYR A 32 -36.96 42.41 -5.24
CA TYR A 32 -36.36 43.70 -5.55
C TYR A 32 -36.18 44.52 -4.26
N LEU A 33 -37.10 44.37 -3.30
CA LEU A 33 -36.94 45.04 -2.00
C LEU A 33 -35.77 44.40 -1.25
N ALA A 34 -35.53 43.08 -1.48
CA ALA A 34 -34.40 42.33 -0.94
C ALA A 34 -33.11 42.82 -1.61
N LEU A 35 -33.09 42.98 -2.96
CA LEU A 35 -31.94 43.51 -3.69
C LEU A 35 -31.50 44.86 -3.15
N LYS A 36 -32.46 45.79 -2.97
CA LYS A 36 -32.21 47.13 -2.46
C LYS A 36 -31.69 47.07 -0.99
N GLU A 37 -32.26 46.17 -0.19
CA GLU A 37 -31.84 46.02 1.21
C GLU A 37 -30.38 45.46 1.26
N ILE A 38 -30.05 44.53 0.34
CA ILE A 38 -28.71 43.94 0.21
C ILE A 38 -27.73 45.06 -0.18
N TRP A 39 -28.08 45.86 -1.21
CA TRP A 39 -27.31 47.01 -1.70
C TRP A 39 -27.05 47.99 -0.55
N ASP A 40 -28.11 48.37 0.21
CA ASP A 40 -28.02 49.27 1.37
C ASP A 40 -27.06 48.75 2.45
N ALA A 41 -27.18 47.46 2.82
CA ALA A 41 -26.37 46.81 3.83
C ALA A 41 -24.89 46.69 3.42
N LEU A 42 -24.62 46.59 2.10
CA LEU A 42 -23.27 46.39 1.58
C LEU A 42 -22.69 47.70 1.01
N ASN A 43 -23.16 48.87 1.56
CA ASN A 43 -22.71 50.22 1.23
C ASN A 43 -22.71 50.47 -0.31
N GLY A 44 -23.78 50.01 -0.97
CA GLY A 44 -23.99 50.10 -2.41
C GLY A 44 -23.81 51.45 -3.08
N LYS A 45 -24.06 52.55 -2.35
CA LYS A 45 -23.92 53.90 -2.93
C LYS A 45 -22.44 54.20 -3.24
N ASN A 46 -21.50 53.45 -2.62
CA ASN A 46 -20.07 53.67 -2.81
C ASN A 46 -19.40 52.57 -3.63
N TRP A 47 -20.20 51.68 -4.25
CA TRP A 47 -19.71 50.66 -5.18
C TRP A 47 -19.14 51.29 -6.43
N SER A 48 -18.06 50.70 -6.99
CA SER A 48 -17.50 51.16 -8.26
C SER A 48 -16.84 49.97 -8.91
N GLN A 49 -17.42 49.48 -10.04
CA GLN A 49 -16.97 48.26 -10.73
C GLN A 49 -15.60 48.42 -11.46
N GLN A 50 -14.85 47.26 -11.53
CA GLN A 50 -13.52 47.06 -12.15
C GLN A 50 -13.63 46.97 -13.76
N GLY A 51 -14.01 45.82 -14.33
CA GLY A 51 -14.12 45.62 -15.77
C GLY A 51 -13.89 44.19 -16.21
N ALA A 58 -19.43 50.67 -13.33
CA ALA A 58 -20.90 50.53 -13.21
C ALA A 58 -21.34 50.37 -11.74
N ASN A 59 -22.69 50.43 -11.50
CA ASN A 59 -23.34 50.28 -10.18
C ASN A 59 -24.83 50.06 -10.37
N TRP A 60 -25.48 49.52 -9.34
CA TRP A 60 -26.93 49.35 -9.33
C TRP A 60 -27.59 50.73 -9.24
N ASN A 61 -28.81 50.84 -9.75
CA ASN A 61 -29.53 52.10 -9.72
C ASN A 61 -30.96 51.81 -9.38
N PHE A 62 -31.47 52.52 -8.37
CA PHE A 62 -32.84 52.33 -7.87
C PHE A 62 -33.66 53.61 -8.09
N ASN A 63 -33.12 54.54 -8.88
CA ASN A 63 -33.80 55.76 -9.28
C ASN A 63 -34.61 55.51 -10.59
N LYS A 64 -35.43 54.45 -10.54
CA LYS A 64 -36.33 53.98 -11.59
C LYS A 64 -37.53 53.31 -10.90
N GLU A 65 -38.59 52.97 -11.66
CA GLU A 65 -39.79 52.31 -11.14
C GLU A 65 -39.45 50.99 -10.45
N LEU A 66 -40.20 50.66 -9.37
CA LEU A 66 -40.03 49.50 -8.48
C LEU A 66 -39.99 48.21 -9.22
N ASP A 67 -40.84 48.03 -10.25
CA ASP A 67 -40.85 46.78 -11.01
C ASP A 67 -39.60 46.68 -11.99
N TRP A 69 -36.47 47.39 -10.83
CA TRP A 69 -35.36 47.21 -9.92
C TRP A 69 -34.60 45.89 -10.14
N GLY A 70 -35.16 45.00 -10.97
CA GLY A 70 -34.52 43.74 -11.31
C GLY A 70 -33.40 43.89 -12.32
N ALA A 71 -33.50 44.97 -13.13
CA ALA A 71 -32.54 45.36 -14.16
C ALA A 71 -31.30 46.00 -13.52
N GLN A 72 -30.31 45.14 -13.23
CA GLN A 72 -29.08 45.54 -12.58
C GLN A 72 -27.88 44.81 -13.13
N PRO A 73 -26.73 45.52 -13.24
CA PRO A 73 -25.49 44.84 -13.64
C PRO A 73 -25.11 43.77 -12.60
N GLY A 74 -24.96 42.52 -13.05
CA GLY A 74 -24.62 41.40 -12.18
C GLY A 74 -25.82 40.61 -11.69
N VAL A 75 -27.03 41.01 -12.17
CA VAL A 75 -28.29 40.37 -11.79
C VAL A 75 -28.99 39.86 -13.02
N SER A 76 -29.36 38.56 -13.00
CA SER A 76 -30.17 37.88 -13.99
C SER A 76 -31.57 37.59 -13.42
N LEU A 77 -32.58 37.75 -14.27
CA LEU A 77 -33.97 37.46 -13.92
C LEU A 77 -34.52 36.34 -14.79
N ASN A 78 -35.72 35.86 -14.48
CA ASN A 78 -36.42 34.91 -15.32
C ASN A 78 -37.63 35.63 -15.95
N SER A 79 -38.44 34.89 -16.73
CA SER A 79 -39.61 35.44 -17.43
C SER A 79 -40.65 36.03 -16.47
N ASN A 80 -40.64 35.60 -15.20
CA ASN A 80 -41.58 36.12 -14.21
C ASN A 80 -40.98 37.28 -13.41
N GLY A 81 -39.76 37.70 -13.78
CA GLY A 81 -39.03 38.79 -13.16
C GLY A 81 -38.38 38.46 -11.82
N ARG A 82 -38.22 37.15 -11.52
CA ARG A 82 -37.60 36.74 -10.27
C ARG A 82 -36.10 36.61 -10.49
N VAL A 83 -35.30 36.97 -9.44
CA VAL A 83 -33.83 36.98 -9.44
C VAL A 83 -33.33 35.55 -9.49
N THR A 84 -32.56 35.20 -10.53
CA THR A 84 -32.03 33.83 -10.68
C THR A 84 -30.50 33.83 -10.53
N GLY A 85 -29.88 35.01 -10.55
CA GLY A 85 -28.43 35.14 -10.41
C GLY A 85 -28.05 36.46 -9.82
N LEU A 86 -27.03 36.48 -9.00
CA LEU A 86 -26.58 37.69 -8.32
C LEU A 86 -25.09 37.62 -8.09
N SER A 87 -24.36 38.60 -8.67
CA SER A 87 -22.92 38.65 -8.54
C SER A 87 -22.45 40.02 -8.06
N LEU A 88 -21.67 40.02 -6.97
CA LEU A 88 -21.12 41.27 -6.45
C LEU A 88 -19.73 41.48 -6.95
N GLU A 89 -19.24 40.56 -7.83
CA GLU A 89 -17.88 40.61 -8.36
C GLU A 89 -17.49 42.02 -8.86
N GLY A 90 -16.34 42.50 -8.38
CA GLY A 90 -15.75 43.78 -8.75
C GLY A 90 -16.38 45.06 -8.22
N PHE A 91 -17.48 44.95 -7.49
CA PHE A 91 -18.19 46.13 -6.98
C PHE A 91 -17.51 46.75 -5.78
N GLY A 92 -16.78 45.96 -5.02
CA GLY A 92 -16.10 46.45 -3.83
C GLY A 92 -17.08 46.69 -2.70
N ALA A 93 -18.04 45.77 -2.54
CA ALA A 93 -19.06 45.75 -1.51
C ALA A 93 -18.44 45.74 -0.11
N SER A 94 -19.06 46.45 0.85
CA SER A 94 -18.55 46.61 2.19
C SER A 94 -19.68 46.57 3.17
N GLY A 95 -19.66 45.56 4.04
CA GLY A 95 -20.69 45.40 5.06
C GLY A 95 -21.05 43.96 5.36
N ARG A 96 -22.29 43.77 5.81
CA ARG A 96 -22.81 42.46 6.23
C ARG A 96 -23.96 42.04 5.31
N VAL A 97 -23.92 40.80 4.76
CA VAL A 97 -24.95 40.28 3.84
C VAL A 97 -26.18 40.01 4.70
N PRO A 98 -27.28 40.80 4.49
CA PRO A 98 -28.44 40.70 5.40
C PRO A 98 -29.29 39.46 5.15
N ASP A 99 -30.21 39.19 6.09
CA ASP A 99 -31.12 38.05 6.08
C ASP A 99 -32.10 38.14 4.91
N ALA A 100 -32.19 39.31 4.27
CA ALA A 100 -33.03 39.61 3.11
C ALA A 100 -32.66 38.70 1.90
N ILE A 101 -31.43 38.16 1.90
CA ILE A 101 -30.90 37.29 0.83
C ILE A 101 -31.82 36.06 0.66
N GLY A 102 -32.39 35.56 1.76
CA GLY A 102 -33.30 34.40 1.81
C GLY A 102 -34.60 34.53 1.02
N GLN A 103 -34.95 35.75 0.60
CA GLN A 103 -36.13 36.05 -0.20
C GLN A 103 -35.95 35.55 -1.64
N LEU A 104 -34.72 35.65 -2.16
CA LEU A 104 -34.34 35.32 -3.53
C LEU A 104 -34.26 33.82 -3.70
N THR A 105 -35.40 33.12 -3.54
CA THR A 105 -35.46 31.65 -3.56
C THR A 105 -35.30 31.05 -4.98
N GLU A 106 -35.35 31.87 -6.03
CA GLU A 106 -35.21 31.37 -7.40
C GLU A 106 -33.76 31.41 -7.83
N LEU A 107 -32.88 31.89 -6.93
CA LEU A 107 -31.43 32.05 -7.12
C LEU A 107 -30.76 30.71 -7.37
N GLU A 108 -30.07 30.60 -8.53
CA GLU A 108 -29.29 29.44 -8.97
C GLU A 108 -27.81 29.73 -8.81
N VAL A 109 -27.37 30.95 -9.13
CA VAL A 109 -25.96 31.34 -8.98
C VAL A 109 -25.85 32.54 -8.04
N LEU A 110 -24.80 32.55 -7.21
CA LEU A 110 -24.49 33.61 -6.25
C LEU A 110 -22.99 33.78 -6.06
N ALA A 111 -22.48 35.02 -6.30
CA ALA A 111 -21.06 35.37 -6.09
C ALA A 111 -20.93 36.62 -5.21
N LEU A 112 -20.16 36.50 -4.13
CA LEU A 112 -19.86 37.57 -3.19
C LEU A 112 -18.45 38.06 -3.43
N GLY A 113 -17.79 37.36 -4.33
CA GLY A 113 -16.41 37.59 -4.74
C GLY A 113 -15.95 36.34 -5.41
N SER A 114 -14.79 36.37 -6.07
CA SER A 114 -14.25 35.19 -6.77
C SER A 114 -12.79 35.35 -7.06
N HIS A 115 -12.16 34.25 -7.58
CA HIS A 115 -10.76 34.25 -8.00
C HIS A 115 -10.62 35.14 -9.24
N GLY A 116 -11.72 35.36 -9.97
CA GLY A 116 -11.78 36.22 -11.14
C GLY A 116 -11.36 37.65 -10.85
N GLU A 117 -11.71 38.15 -9.66
CA GLU A 117 -11.39 39.52 -9.23
C GLU A 117 -9.88 39.79 -9.16
N LYS A 118 -9.07 38.75 -8.88
CA LYS A 118 -7.61 38.86 -8.83
C LYS A 118 -7.01 38.95 -10.24
N VAL A 119 -7.75 38.49 -11.28
CA VAL A 119 -7.28 38.50 -12.69
C VAL A 119 -8.19 39.38 -13.58
N ASN A 120 -8.94 40.32 -12.97
CA ASN A 120 -9.83 41.27 -13.64
C ASN A 120 -10.78 40.54 -14.64
N GLU A 121 -11.50 39.50 -14.16
CA GLU A 121 -12.45 38.73 -14.95
C GLU A 121 -13.73 38.51 -14.20
N ARG A 122 -14.87 38.64 -14.87
CA ARG A 122 -16.15 38.34 -14.22
C ARG A 122 -16.44 36.87 -14.47
N LEU A 123 -16.49 36.04 -13.42
CA LEU A 123 -16.74 34.62 -13.66
C LEU A 123 -18.23 34.35 -13.82
N PHE A 124 -19.05 35.21 -13.21
CA PHE A 124 -20.51 35.13 -13.27
C PHE A 124 -21.03 36.17 -14.24
N GLY A 125 -21.86 35.71 -15.15
CA GLY A 125 -22.46 36.52 -16.20
C GLY A 125 -23.02 35.66 -17.32
N PRO A 126 -23.63 36.26 -18.34
CA PRO A 126 -24.22 35.46 -19.44
C PRO A 126 -23.22 34.60 -20.23
N LYS A 127 -21.91 34.96 -20.23
CA LYS A 127 -20.86 34.20 -20.94
C LYS A 127 -20.07 33.31 -19.96
N GLY A 128 -20.37 33.45 -18.65
CA GLY A 128 -19.75 32.68 -17.60
C GLY A 128 -20.74 31.86 -16.81
N ILE A 129 -20.62 31.89 -15.47
CA ILE A 129 -21.50 31.17 -14.57
C ILE A 129 -22.84 31.93 -14.56
N SER A 130 -23.84 31.28 -15.14
CA SER A 130 -25.18 31.83 -15.30
C SER A 130 -26.24 30.81 -14.96
N ALA A 131 -27.36 31.30 -14.46
CA ALA A 131 -28.52 30.46 -14.18
C ALA A 131 -29.04 29.86 -15.48
N ASN A 132 -29.32 28.54 -15.43
CA ASN A 132 -29.84 27.73 -16.52
C ASN A 132 -28.86 27.74 -17.74
N SER A 134 -25.73 25.88 -20.21
CA SER A 134 -25.48 24.54 -20.76
C SER A 134 -24.42 23.81 -19.94
N ASP A 135 -24.53 22.46 -19.83
CA ASP A 135 -23.55 21.62 -19.12
C ASP A 135 -22.13 21.86 -19.65
N GLU A 136 -22.03 22.21 -20.94
CA GLU A 136 -20.80 22.51 -21.65
C GLU A 136 -20.19 23.82 -21.09
N GLN A 137 -21.04 24.85 -20.88
CA GLN A 137 -20.67 26.16 -20.30
C GLN A 137 -20.22 25.99 -18.83
N LYS A 138 -20.97 25.13 -18.07
CA LYS A 138 -20.69 24.79 -16.67
C LYS A 138 -19.29 24.21 -16.57
N GLN A 139 -18.95 23.26 -17.48
CA GLN A 139 -17.62 22.62 -17.51
C GLN A 139 -16.52 23.64 -17.78
N LYS A 140 -16.71 24.47 -18.83
CA LYS A 140 -15.76 25.53 -19.21
C LYS A 140 -15.40 26.36 -18.00
N ARG A 142 -16.05 25.65 -14.75
CA ARG A 142 -15.43 24.80 -13.73
C ARG A 142 -13.90 24.75 -13.92
N HIS A 144 -12.06 27.06 -15.28
CA HIS A 144 -11.48 28.41 -15.31
C HIS A 144 -10.29 28.56 -14.36
N TYR A 145 -10.37 28.04 -13.11
CA TYR A 145 -9.25 28.19 -12.19
C TYR A 145 -8.06 27.41 -12.71
N GLN A 146 -8.34 26.21 -13.24
CA GLN A 146 -7.35 25.29 -13.79
C GLN A 146 -6.59 25.94 -14.95
N LYS A 147 -7.29 26.49 -15.97
CA LYS A 147 -6.62 27.11 -17.11
C LYS A 147 -5.84 28.35 -16.70
N THR A 148 -6.29 29.08 -15.68
CA THR A 148 -5.69 30.34 -15.26
C THR A 148 -4.45 30.17 -14.38
N PHE A 149 -4.52 29.29 -13.36
CA PHE A 149 -3.44 29.17 -12.39
C PHE A 149 -2.73 27.83 -12.31
N VAL A 150 -3.24 26.77 -13.00
CA VAL A 150 -2.67 25.44 -12.79
C VAL A 150 -2.06 24.83 -14.09
N ASP A 151 -2.82 24.84 -15.20
CA ASP A 151 -2.36 24.27 -16.47
C ASP A 151 -1.09 24.90 -16.97
N TYR A 152 -0.18 24.02 -17.43
CA TYR A 152 1.15 24.36 -17.95
CA TYR A 152 1.09 24.40 -18.06
C TYR A 152 1.66 23.22 -18.85
N ASP A 153 2.41 23.55 -19.93
CA ASP A 153 2.99 22.53 -20.80
C ASP A 153 4.44 22.23 -20.31
N PRO A 154 4.71 21.03 -19.74
CA PRO A 154 6.07 20.72 -19.27
C PRO A 154 7.11 20.75 -20.41
N ARG A 155 6.67 20.72 -21.72
CA ARG A 155 7.61 20.78 -22.85
C ARG A 155 8.24 22.19 -22.98
N GLU A 156 7.70 23.18 -22.26
CA GLU A 156 8.19 24.56 -22.19
C GLU A 156 9.68 24.61 -21.81
N ASP A 157 10.11 23.68 -20.96
CA ASP A 157 11.48 23.58 -20.47
C ASP A 157 12.47 23.08 -21.51
N PHE A 158 11.97 22.71 -22.71
CA PHE A 158 12.84 22.35 -23.80
C PHE A 158 13.53 23.60 -24.33
N SER A 159 14.73 23.46 -24.86
CA SER A 159 15.47 24.58 -25.40
C SER A 159 14.76 25.16 -26.61
N ASP A 160 15.08 26.42 -26.94
CA ASP A 160 14.51 27.08 -28.09
C ASP A 160 14.75 26.24 -29.32
N LEU A 161 15.98 25.65 -29.45
CA LEU A 161 16.33 24.79 -30.59
C LEU A 161 15.32 23.64 -30.73
N ILE A 162 15.12 22.88 -29.62
CA ILE A 162 14.25 21.72 -29.60
C ILE A 162 12.79 22.16 -29.81
N LYS A 163 12.33 23.25 -29.14
CA LYS A 163 10.97 23.78 -29.31
C LYS A 163 10.73 24.22 -30.78
N ASP A 164 11.71 24.89 -31.43
CA ASP A 164 11.58 25.28 -32.84
C ASP A 164 11.33 24.05 -33.74
N CYS A 165 12.11 22.95 -33.53
CA CYS A 165 11.97 21.70 -34.30
C CYS A 165 10.60 21.05 -34.09
N ILE A 166 10.09 21.08 -32.84
CA ILE A 166 8.76 20.55 -32.49
C ILE A 166 7.69 21.41 -33.20
N ASN A 167 7.78 22.74 -33.10
CA ASN A 167 6.83 23.68 -33.70
C ASN A 167 6.78 23.60 -35.23
N SER A 168 7.90 23.21 -35.89
CA SER A 168 8.03 23.03 -37.35
C SER A 168 7.52 21.68 -37.82
N ASP A 169 7.43 20.70 -36.90
CA ASP A 169 7.01 19.34 -37.23
C ASP A 169 5.50 19.27 -37.27
N PRO A 170 4.91 19.00 -38.46
CA PRO A 170 3.44 18.91 -38.56
C PRO A 170 2.87 17.72 -37.79
N GLN A 171 3.69 16.68 -37.56
CA GLN A 171 3.30 15.46 -36.85
C GLN A 171 3.33 15.64 -35.32
N GLN A 172 3.67 16.85 -34.84
CA GLN A 172 3.74 17.17 -33.40
C GLN A 172 2.88 18.40 -33.04
N LYS A 173 2.34 18.42 -31.80
CA LYS A 173 1.58 19.56 -31.27
C LYS A 173 2.58 20.66 -30.91
N SER A 174 2.39 21.86 -31.46
CA SER A 174 3.30 22.98 -31.21
C SER A 174 3.22 23.39 -29.73
N ILE A 175 4.31 23.97 -29.23
CA ILE A 175 4.38 24.40 -27.85
C ILE A 175 3.98 25.88 -27.80
N LYS A 176 2.85 26.14 -27.14
CA LYS A 176 2.31 27.48 -26.91
C LYS A 176 3.10 28.23 -25.85
N LYS A 177 3.16 29.56 -25.98
CA LYS A 177 3.76 30.46 -25.00
C LYS A 177 2.97 30.33 -23.70
N SER A 178 3.68 30.39 -22.58
CA SER A 178 3.11 30.26 -21.24
C SER A 178 2.06 31.32 -21.00
N SER A 179 0.93 30.89 -20.44
CA SER A 179 -0.21 31.75 -20.12
C SER A 179 -0.58 31.67 -18.62
N ARG A 180 -0.03 30.69 -17.88
CA ARG A 180 -0.35 30.44 -16.48
C ARG A 180 0.10 31.61 -15.62
N ILE A 181 -0.83 32.09 -14.76
CA ILE A 181 -0.60 33.17 -13.81
C ILE A 181 -0.10 32.59 -12.50
N THR A 182 0.91 33.26 -11.92
CA THR A 182 1.44 32.95 -10.61
C THR A 182 1.13 34.14 -9.75
N LEU A 183 0.44 33.92 -8.62
CA LEU A 183 0.13 35.03 -7.73
C LEU A 183 1.38 35.57 -7.07
N LYS A 184 1.43 36.89 -6.99
CA LYS A 184 2.46 37.64 -6.27
C LYS A 184 1.99 37.68 -4.82
N ASP A 185 2.88 37.50 -3.82
CA ASP A 185 2.48 37.48 -2.40
C ASP A 185 1.76 38.78 -1.96
N THR A 186 1.79 39.81 -2.82
CA THR A 186 1.08 41.07 -2.66
C THR A 186 -0.43 40.81 -2.84
N GLN A 187 -0.78 39.91 -3.79
CA GLN A 187 -2.16 39.55 -4.08
C GLN A 187 -2.73 38.59 -3.03
N ILE A 188 -1.87 37.75 -2.39
CA ILE A 188 -2.34 36.82 -1.35
C ILE A 188 -2.74 37.61 -0.12
N GLY A 189 -4.03 37.60 0.19
CA GLY A 189 -4.61 38.34 1.31
C GLY A 189 -5.09 39.73 0.95
N GLN A 190 -4.96 40.08 -0.35
CA GLN A 190 -5.39 41.34 -0.94
C GLN A 190 -6.88 41.24 -1.15
N LEU A 191 -7.60 42.07 -0.42
CA LEU A 191 -9.04 42.10 -0.42
C LEU A 191 -9.61 42.80 -1.66
N SER A 192 -10.76 42.29 -2.16
CA SER A 192 -11.52 42.83 -3.30
C SER A 192 -12.81 43.48 -2.80
N ASN A 193 -13.12 43.25 -1.51
CA ASN A 193 -14.31 43.72 -0.84
C ASN A 193 -14.09 43.73 0.68
N ASN A 194 -15.07 44.29 1.41
CA ASN A 194 -15.05 44.32 2.86
C ASN A 194 -16.33 43.65 3.42
N ILE A 195 -16.68 42.45 2.90
CA ILE A 195 -17.81 41.67 3.39
C ILE A 195 -17.33 41.04 4.71
N THR A 196 -17.95 41.42 5.84
CA THR A 196 -17.52 40.96 7.16
C THR A 196 -18.45 39.90 7.74
N PHE A 197 -19.60 39.66 7.10
CA PHE A 197 -20.60 38.72 7.57
C PHE A 197 -21.46 38.23 6.41
N VAL A 198 -21.89 36.95 6.47
CA VAL A 198 -22.80 36.34 5.50
C VAL A 198 -23.86 35.65 6.30
N SER A 199 -25.12 36.03 6.07
CA SER A 199 -26.31 35.53 6.74
C SER A 199 -26.55 34.02 6.54
N LYS A 200 -27.06 33.39 7.60
CA LYS A 200 -27.52 32.02 7.72
C LYS A 200 -28.56 31.70 6.63
N ALA A 201 -29.33 32.75 6.21
CA ALA A 201 -30.47 32.77 5.27
C ALA A 201 -30.19 32.08 3.94
N VAL A 202 -28.90 31.90 3.53
CA VAL A 202 -28.49 31.22 2.30
C VAL A 202 -29.13 29.77 2.24
N ARG A 204 -32.07 29.00 2.76
CA ARG A 204 -33.40 29.12 2.19
C ARG A 204 -33.35 28.97 0.68
N LEU A 205 -32.20 29.30 0.06
CA LEU A 205 -32.01 29.25 -1.40
C LEU A 205 -31.75 27.81 -1.84
N THR A 206 -32.80 26.98 -1.77
CA THR A 206 -32.75 25.54 -2.06
C THR A 206 -32.50 25.27 -3.55
N LYS A 207 -32.53 26.31 -4.43
CA LYS A 207 -32.30 26.11 -5.87
C LYS A 207 -30.87 26.51 -6.26
N LEU A 208 -30.05 27.00 -5.29
CA LEU A 208 -28.67 27.44 -5.46
C LEU A 208 -27.81 26.32 -6.02
N ARG A 209 -27.12 26.58 -7.13
CA ARG A 209 -26.24 25.65 -7.84
C ARG A 209 -24.77 26.01 -7.62
N GLN A 210 -24.45 27.33 -7.67
CA GLN A 210 -23.08 27.82 -7.49
C GLN A 210 -23.02 28.92 -6.41
N PHE A 211 -22.12 28.74 -5.41
CA PHE A 211 -21.93 29.72 -4.36
C PHE A 211 -20.44 30.04 -4.26
N TYR A 212 -20.06 31.25 -4.69
CA TYR A 212 -18.68 31.73 -4.70
C TYR A 212 -18.46 32.91 -3.77
N GLY A 214 -14.84 35.27 -2.21
CA GLY A 214 -13.40 35.44 -2.19
C GLY A 214 -12.94 36.84 -1.94
N ASN A 215 -11.70 36.95 -1.45
CA ASN A 215 -10.94 38.17 -1.16
C ASN A 215 -11.67 39.05 -0.12
N SER A 216 -12.30 38.37 0.86
CA SER A 216 -13.11 38.95 1.93
C SER A 216 -12.42 38.89 3.27
N PRO A 217 -12.66 39.88 4.16
CA PRO A 217 -11.97 39.88 5.45
C PRO A 217 -12.72 39.15 6.56
N PHE A 218 -13.84 38.47 6.23
CA PHE A 218 -14.64 37.81 7.26
C PHE A 218 -13.91 36.61 7.89
N VAL A 219 -14.37 36.22 9.09
CA VAL A 219 -13.86 35.09 9.86
C VAL A 219 -14.82 33.90 9.59
N ALA A 220 -14.31 32.67 9.72
CA ALA A 220 -15.02 31.41 9.43
C ALA A 220 -16.40 31.32 10.09
N GLU A 221 -16.52 31.72 11.37
CA GLU A 221 -17.76 31.64 12.16
C GLU A 221 -18.84 32.65 11.70
N ASN A 222 -18.48 33.61 10.82
CA ASN A 222 -19.44 34.62 10.35
C ASN A 222 -19.89 34.33 8.91
N ILE A 223 -19.58 33.10 8.41
CA ILE A 223 -19.99 32.66 7.07
C ILE A 223 -21.16 31.69 7.25
N CYS A 224 -22.39 32.24 7.21
CA CYS A 224 -23.66 31.53 7.22
C CYS A 224 -23.88 30.62 8.46
N GLU A 225 -23.47 31.12 9.64
CA GLU A 225 -23.71 30.44 10.92
C GLU A 225 -24.92 31.04 11.65
N ALA A 226 -25.07 32.37 11.56
CA ALA A 226 -26.09 33.10 12.30
C ALA A 226 -26.85 34.11 11.43
N TRP A 227 -27.95 34.62 11.99
CA TRP A 227 -28.72 35.66 11.34
C TRP A 227 -27.90 36.94 11.36
N GLU A 228 -28.02 37.74 10.30
CA GLU A 228 -27.30 39.01 10.23
C GLU A 228 -27.86 39.89 11.32
N ASN A 229 -29.20 39.86 11.46
CA ASN A 229 -29.98 40.54 12.48
C ASN A 229 -31.20 39.67 12.78
N GLU A 230 -31.17 38.95 13.92
CA GLU A 230 -32.25 38.05 14.34
C GLU A 230 -33.60 38.76 14.56
N ASN A 231 -33.63 40.12 14.64
CA ASN A 231 -34.86 40.88 14.85
C ASN A 231 -35.44 41.46 13.53
N SER A 232 -34.91 41.04 12.36
CA SER A 232 -35.41 41.47 11.05
C SER A 232 -36.68 40.71 10.70
N GLU A 233 -37.49 41.27 9.78
CA GLU A 233 -38.74 40.66 9.33
C GLU A 233 -38.47 39.28 8.72
N TYR A 234 -37.34 39.19 7.96
CA TYR A 234 -36.87 37.98 7.30
C TYR A 234 -36.48 36.92 8.34
N ALA A 235 -35.51 37.23 9.24
CA ALA A 235 -35.02 36.32 10.28
C ALA A 235 -36.16 35.76 11.10
N GLN A 236 -37.09 36.64 11.56
CA GLN A 236 -38.25 36.26 12.35
C GLN A 236 -39.13 35.27 11.59
N GLN A 237 -39.27 35.44 10.27
CA GLN A 237 -40.09 34.54 9.45
C GLN A 237 -39.39 33.19 9.29
N TYR A 238 -38.12 33.20 8.81
CA TYR A 238 -37.27 32.03 8.50
C TYR A 238 -36.91 31.23 9.74
N LYS A 239 -37.01 31.85 10.95
CA LYS A 239 -36.80 31.20 12.25
C LYS A 239 -37.77 30.05 12.45
N THR A 240 -38.97 30.15 11.86
CA THR A 240 -40.05 29.16 11.99
C THR A 240 -40.07 28.22 10.78
N GLU A 241 -39.08 28.33 9.87
CA GLU A 241 -39.10 27.57 8.63
C GLU A 241 -38.27 26.29 8.65
N ASP A 242 -37.43 26.06 9.70
CA ASP A 242 -36.59 24.84 9.84
C ASP A 242 -35.75 24.65 8.55
N LEU A 243 -34.86 25.61 8.33
CA LEU A 243 -33.95 25.64 7.19
C LEU A 243 -32.77 24.71 7.47
N LYS A 244 -32.32 23.99 6.43
CA LYS A 244 -31.26 23.01 6.57
C LYS A 244 -30.36 23.05 5.38
N TRP A 245 -29.07 22.79 5.61
CA TRP A 245 -28.09 22.70 4.53
C TRP A 245 -28.37 21.48 3.65
N ASP A 246 -29.03 20.44 4.23
CA ASP A 246 -29.38 19.24 3.50
C ASP A 246 -30.35 19.51 2.35
N ASN A 247 -31.13 20.59 2.43
CA ASN A 247 -32.13 20.96 1.41
C ASN A 247 -31.50 21.61 0.15
N LEU A 248 -30.22 22.05 0.23
CA LEU A 248 -29.51 22.61 -0.92
C LEU A 248 -28.91 21.46 -1.75
N LYS A 249 -29.82 20.72 -2.39
CA LYS A 249 -29.57 19.53 -3.18
C LYS A 249 -28.88 19.82 -4.54
N ASP A 250 -28.98 21.06 -5.02
CA ASP A 250 -28.43 21.46 -6.32
C ASP A 250 -27.09 22.21 -6.22
N LEU A 251 -26.62 22.52 -4.99
CA LEU A 251 -25.39 23.26 -4.78
C LEU A 251 -24.20 22.34 -4.99
N THR A 252 -23.59 22.41 -6.19
CA THR A 252 -22.47 21.57 -6.66
C THR A 252 -21.14 22.30 -6.73
N ASP A 253 -21.16 23.63 -6.91
CA ASP A 253 -19.92 24.40 -7.03
C ASP A 253 -19.83 25.46 -5.95
N VAL A 254 -18.86 25.31 -5.02
CA VAL A 254 -18.64 26.24 -3.91
C VAL A 254 -17.19 26.70 -3.92
N GLU A 255 -16.97 28.02 -3.75
CA GLU A 255 -15.63 28.61 -3.68
C GLU A 255 -15.54 29.59 -2.49
N VAL A 256 -14.50 29.39 -1.65
CA VAL A 256 -14.12 30.23 -0.51
C VAL A 256 -12.62 30.51 -0.73
N TYR A 257 -12.34 31.52 -1.54
CA TYR A 257 -10.99 31.80 -2.03
C TYR A 257 -10.39 33.06 -1.46
N ASN A 258 -9.10 32.97 -1.10
CA ASN A 258 -8.28 34.06 -0.60
C ASN A 258 -9.02 34.91 0.44
N CYS A 259 -9.38 34.29 1.59
CA CYS A 259 -10.00 35.02 2.68
C CYS A 259 -8.99 34.98 3.84
N PRO A 260 -8.13 36.03 3.91
CA PRO A 260 -6.97 36.01 4.83
C PRO A 260 -7.28 35.90 6.32
N ASN A 261 -8.51 36.23 6.75
CA ASN A 261 -8.80 36.16 8.18
C ASN A 261 -9.46 34.80 8.57
N LEU A 262 -9.52 33.84 7.62
CA LEU A 262 -9.97 32.50 7.93
C LEU A 262 -8.88 31.78 8.71
N THR A 263 -9.25 31.09 9.81
CA THR A 263 -8.30 30.30 10.61
C THR A 263 -8.70 28.84 10.49
N LYS A 264 -9.86 28.60 9.87
CA LYS A 264 -10.46 27.29 9.58
C LYS A 264 -11.43 27.45 8.44
N LEU A 265 -11.84 26.35 7.80
CA LEU A 265 -12.83 26.43 6.71
C LEU A 265 -14.21 26.59 7.31
N PRO A 266 -15.12 27.37 6.68
CA PRO A 266 -16.50 27.49 7.23
C PRO A 266 -17.13 26.10 7.31
N THR A 267 -17.85 25.87 8.39
CA THR A 267 -18.42 24.57 8.75
C THR A 267 -19.61 24.13 7.89
N PHE A 268 -20.18 25.04 7.09
CA PHE A 268 -21.36 24.71 6.29
C PHE A 268 -20.99 23.77 5.13
N LEU A 269 -19.71 23.79 4.71
CA LEU A 269 -19.22 22.98 3.59
C LEU A 269 -19.44 21.50 3.84
N LYS A 270 -19.04 20.96 5.03
CA LYS A 270 -19.22 19.53 5.34
C LYS A 270 -20.72 19.16 5.52
N ALA A 271 -21.56 20.15 5.77
CA ALA A 271 -23.01 19.99 5.95
C ALA A 271 -23.76 19.89 4.59
N LEU A 272 -23.09 20.15 3.45
CA LEU A 272 -23.73 20.10 2.13
C LEU A 272 -23.92 18.66 1.63
N PRO A 273 -25.04 18.36 0.93
CA PRO A 273 -25.24 16.96 0.48
C PRO A 273 -24.66 16.62 -0.91
N GLU A 274 -24.53 17.61 -1.83
CA GLU A 274 -24.16 17.30 -3.21
C GLU A 274 -23.03 18.15 -3.80
N GLN A 276 -19.68 19.22 -5.50
CA GLN A 276 -18.78 18.51 -6.43
C GLN A 276 -17.46 19.26 -6.59
N LEU A 277 -17.52 20.57 -6.81
CA LEU A 277 -16.31 21.40 -6.92
C LEU A 277 -16.13 22.21 -5.61
N ILE A 278 -14.90 22.22 -5.10
CA ILE A 278 -14.58 23.01 -3.92
C ILE A 278 -13.26 23.74 -4.16
N ASN A 279 -13.30 25.06 -4.16
CA ASN A 279 -12.12 25.89 -4.32
C ASN A 279 -11.86 26.59 -2.98
N VAL A 280 -10.81 26.16 -2.28
CA VAL A 280 -10.45 26.72 -0.97
C VAL A 280 -8.98 27.17 -1.03
N ALA A 281 -8.57 27.66 -2.21
CA ALA A 281 -7.21 28.14 -2.43
C ALA A 281 -6.97 29.52 -1.77
N CYS A 282 -5.69 29.82 -1.46
CA CYS A 282 -5.17 31.07 -0.88
C CYS A 282 -5.64 31.35 0.53
N ASN A 283 -6.06 30.34 1.30
CA ASN A 283 -6.46 30.62 2.68
C ASN A 283 -5.27 30.29 3.61
N ARG A 284 -4.22 31.15 3.53
CA ARG A 284 -2.98 30.98 4.25
C ARG A 284 -3.04 31.43 5.68
N GLY A 285 -4.20 31.93 6.13
CA GLY A 285 -4.43 32.24 7.53
C GLY A 285 -4.70 30.96 8.31
N ILE A 286 -5.10 29.89 7.59
CA ILE A 286 -5.42 28.56 8.10
C ILE A 286 -4.15 27.74 8.21
N SER A 287 -3.85 27.24 9.44
CA SER A 287 -2.69 26.39 9.68
C SER A 287 -2.76 25.10 8.86
N GLY A 288 -1.60 24.53 8.56
CA GLY A 288 -1.55 23.30 7.78
C GLY A 288 -2.33 22.18 8.41
N GLU A 289 -2.25 22.10 9.75
CA GLU A 289 -2.90 21.11 10.60
CA GLU A 289 -2.91 21.06 10.54
C GLU A 289 -4.45 21.27 10.50
N GLN A 290 -4.93 22.50 10.65
CA GLN A 290 -6.35 22.85 10.63
C GLN A 290 -6.99 22.57 9.24
N LEU A 291 -6.27 22.90 8.14
CA LEU A 291 -6.78 22.66 6.80
C LEU A 291 -6.81 21.16 6.53
N LYS A 292 -5.80 20.39 7.02
CA LYS A 292 -5.74 18.92 6.89
C LYS A 292 -6.97 18.31 7.58
N ASP A 293 -7.29 18.83 8.76
CA ASP A 293 -8.43 18.42 9.58
C ASP A 293 -9.78 18.78 8.91
N ASP A 294 -9.90 19.98 8.31
CA ASP A 294 -11.12 20.41 7.60
C ASP A 294 -11.32 19.55 6.35
N TRP A 295 -10.22 19.26 5.58
CA TRP A 295 -10.26 18.38 4.41
C TRP A 295 -10.70 16.98 4.85
N GLN A 296 -10.10 16.45 5.97
CA GLN A 296 -10.43 15.12 6.50
C GLN A 296 -11.90 15.03 6.81
N ALA A 297 -12.43 16.07 7.47
CA ALA A 297 -13.83 16.20 7.89
C ALA A 297 -14.75 16.13 6.67
N LEU A 298 -14.35 16.79 5.55
CA LEU A 298 -15.10 16.76 4.29
C LEU A 298 -15.17 15.34 3.73
N ALA A 299 -14.02 14.62 3.69
CA ALA A 299 -13.93 13.22 3.22
C ALA A 299 -14.78 12.27 4.09
N ASP A 300 -14.80 12.52 5.42
CA ASP A 300 -15.54 11.69 6.38
C ASP A 300 -17.05 11.99 6.35
N ALA A 301 -17.45 13.18 5.89
CA ALA A 301 -18.87 13.57 5.78
C ALA A 301 -19.50 12.94 4.52
N PRO A 302 -20.86 12.86 4.41
CA PRO A 302 -21.47 12.24 3.21
C PRO A 302 -21.08 12.92 1.89
N VAL A 303 -20.71 14.23 1.94
CA VAL A 303 -20.27 15.06 0.81
C VAL A 303 -18.91 14.55 0.24
N GLY A 304 -18.10 13.86 1.08
CA GLY A 304 -16.81 13.30 0.69
C GLY A 304 -16.90 12.40 -0.53
N GLU A 305 -17.96 11.58 -0.52
CA GLU A 305 -18.32 10.67 -1.60
C GLU A 305 -18.76 11.39 -2.88
N LYS A 306 -19.08 12.71 -2.79
CA LYS A 306 -19.63 13.47 -3.93
C LYS A 306 -18.61 14.38 -4.61
N ILE A 307 -17.62 14.91 -3.86
CA ILE A 307 -16.62 15.87 -4.36
C ILE A 307 -15.85 15.27 -5.53
N GLN A 308 -15.69 16.06 -6.59
CA GLN A 308 -15.03 15.66 -7.84
C GLN A 308 -13.80 16.51 -8.16
N ILE A 309 -13.78 17.80 -7.71
CA ILE A 309 -12.69 18.76 -7.98
C ILE A 309 -12.30 19.45 -6.69
N ILE A 310 -11.00 19.48 -6.40
CA ILE A 310 -10.43 20.16 -5.23
C ILE A 310 -9.34 21.14 -5.69
N TYR A 311 -9.54 22.43 -5.45
CA TYR A 311 -8.54 23.45 -5.67
C TYR A 311 -8.05 23.85 -4.29
N ILE A 312 -6.85 23.38 -3.87
CA ILE A 312 -6.41 23.67 -2.51
C ILE A 312 -4.94 24.24 -2.51
N GLY A 313 -4.54 24.80 -3.65
CA GLY A 313 -3.24 25.43 -3.80
C GLY A 313 -3.09 26.71 -2.99
N TYR A 314 -1.84 27.23 -2.86
CA TYR A 314 -1.51 28.45 -2.11
C TYR A 314 -2.01 28.33 -0.63
N ASN A 315 -1.67 27.23 0.02
CA ASN A 315 -2.09 26.99 1.37
C ASN A 315 -0.89 26.51 2.21
N ASN A 316 -1.13 26.08 3.46
CA ASN A 316 -0.04 25.70 4.35
C ASN A 316 0.00 24.19 4.68
N LEU A 317 -0.71 23.33 3.91
CA LEU A 317 -0.75 21.88 4.14
C LEU A 317 0.63 21.25 4.26
N LYS A 318 0.89 20.49 5.34
CA LYS A 318 2.17 19.78 5.51
C LYS A 318 2.00 18.33 5.06
N THR A 319 0.75 17.84 5.02
CA THR A 319 0.39 16.49 4.57
C THR A 319 -1.11 16.46 4.26
N PHE A 320 -1.58 15.35 3.71
CA PHE A 320 -2.98 15.06 3.37
C PHE A 320 -3.65 14.37 4.53
N PRO A 321 -5.02 14.33 4.55
CA PRO A 321 -5.70 13.50 5.57
C PRO A 321 -5.31 12.01 5.44
N VAL A 322 -5.60 11.21 6.48
CA VAL A 322 -5.33 9.77 6.58
C VAL A 322 -5.89 9.02 5.34
N GLU A 323 -5.15 7.95 4.87
CA GLU A 323 -5.50 7.12 3.72
CA GLU A 323 -5.51 7.12 3.71
C GLU A 323 -6.97 6.66 3.77
N THR A 324 -7.44 6.17 4.95
CA THR A 324 -8.81 5.65 5.17
C THR A 324 -9.91 6.73 4.90
N SER A 325 -9.56 8.01 5.07
CA SER A 325 -10.48 9.11 4.83
C SER A 325 -10.44 9.48 3.36
N LEU A 326 -9.22 9.50 2.76
CA LEU A 326 -9.00 9.78 1.33
C LEU A 326 -9.73 8.75 0.45
N GLN A 327 -9.68 7.46 0.82
CA GLN A 327 -10.30 6.32 0.11
C GLN A 327 -11.80 6.52 -0.14
N LYS A 328 -12.48 7.27 0.77
CA LYS A 328 -13.92 7.55 0.74
C LYS A 328 -14.31 8.46 -0.43
N LYS A 330 -14.41 8.63 -3.55
CA LYS A 330 -14.50 7.79 -4.75
C LYS A 330 -14.74 8.61 -6.00
N LYS A 331 -15.49 9.71 -5.91
CA LYS A 331 -15.80 10.52 -7.09
C LYS A 331 -14.69 11.55 -7.42
N LEU A 332 -13.56 11.60 -6.64
CA LEU A 332 -12.49 12.59 -6.89
C LEU A 332 -11.81 12.41 -8.25
N GLY A 333 -11.69 13.49 -9.02
CA GLY A 333 -11.09 13.47 -10.34
C GLY A 333 -10.04 14.54 -10.60
N LEU A 335 -7.22 17.21 -8.49
CA LEU A 335 -6.56 17.68 -7.28
C LEU A 335 -5.36 18.53 -7.64
N GLU A 336 -5.29 19.74 -7.04
CA GLU A 336 -4.14 20.63 -7.22
C GLU A 336 -3.77 21.15 -5.82
N CYS A 337 -2.46 21.06 -5.47
CA CYS A 337 -1.90 21.52 -4.19
C CYS A 337 -0.67 22.40 -4.44
N LEU A 338 -0.67 23.17 -5.54
CA LEU A 338 0.41 24.10 -5.84
C LEU A 338 0.72 25.01 -4.68
N TYR A 339 2.00 25.21 -4.38
CA TYR A 339 2.51 26.11 -3.36
C TYR A 339 1.86 25.86 -2.00
N ASN A 340 2.16 24.69 -1.45
CA ASN A 340 1.77 24.30 -0.11
C ASN A 340 3.08 24.01 0.62
N GLN A 341 3.04 23.26 1.73
CA GLN A 341 4.25 22.90 2.47
C GLN A 341 4.33 21.40 2.62
N LEU A 342 3.74 20.66 1.66
CA LEU A 342 3.65 19.20 1.68
C LEU A 342 5.03 18.60 1.79
N GLU A 343 5.26 17.83 2.86
CA GLU A 343 6.55 17.21 3.17
C GLU A 343 6.42 15.68 3.33
N GLY A 344 7.54 14.98 3.05
CA GLY A 344 7.68 13.54 3.22
C GLY A 344 6.89 12.69 2.26
N LYS A 345 6.56 11.47 2.70
CA LYS A 345 5.79 10.49 1.93
C LYS A 345 4.31 10.91 2.02
N LEU A 346 3.61 10.93 0.89
CA LEU A 346 2.21 11.37 0.89
C LEU A 346 1.25 10.25 1.22
N PRO A 347 0.15 10.51 1.97
CA PRO A 347 -0.88 9.46 2.14
C PRO A 347 -1.50 9.13 0.77
N ALA A 348 -1.97 7.87 0.56
CA ALA A 348 -2.51 7.44 -0.75
C ALA A 348 -4.04 7.39 -0.79
N PHE A 349 -4.64 7.68 -1.97
CA PHE A 349 -6.10 7.59 -2.20
C PHE A 349 -6.52 6.15 -2.59
N GLY A 350 -5.65 5.50 -3.37
CA GLY A 350 -5.86 4.17 -3.94
C GLY A 350 -6.07 4.25 -5.44
N SER A 351 -5.79 3.13 -6.15
CA SER A 351 -5.94 2.99 -7.61
C SER A 351 -7.38 3.25 -8.08
N GLU A 352 -8.36 2.90 -7.22
CA GLU A 352 -9.81 3.02 -7.44
C GLU A 352 -10.23 4.47 -7.74
N ILE A 353 -9.56 5.48 -7.13
CA ILE A 353 -9.82 6.91 -7.35
C ILE A 353 -9.04 7.28 -8.61
N LYS A 354 -9.76 7.68 -9.67
CA LYS A 354 -9.20 7.97 -10.97
C LYS A 354 -9.08 9.49 -11.20
N LEU A 355 -7.86 10.00 -11.23
CA LEU A 355 -7.65 11.42 -11.46
C LEU A 355 -7.43 11.75 -12.96
N ALA A 356 -8.05 12.84 -13.42
CA ALA A 356 -7.92 13.41 -14.77
C ALA A 356 -6.88 14.55 -14.74
N SER A 357 -6.75 15.20 -13.58
CA SER A 357 -5.80 16.26 -13.29
C SER A 357 -5.10 15.98 -12.00
N LEU A 358 -3.81 16.20 -11.93
CA LEU A 358 -3.01 16.11 -10.72
C LEU A 358 -1.84 17.07 -10.84
N ASN A 359 -1.75 17.97 -9.90
CA ASN A 359 -0.68 18.96 -9.87
C ASN A 359 -0.26 19.18 -8.41
N LEU A 360 0.92 18.63 -8.03
CA LEU A 360 1.50 18.69 -6.68
C LEU A 360 2.77 19.55 -6.67
N ALA A 361 2.95 20.40 -7.71
CA ALA A 361 4.15 21.18 -7.86
C ALA A 361 4.31 22.19 -6.73
N TYR A 362 5.59 22.53 -6.44
CA TYR A 362 6.03 23.53 -5.49
C TYR A 362 5.65 23.13 -4.06
N ASN A 363 6.27 22.05 -3.62
CA ASN A 363 6.14 21.49 -2.28
C ASN A 363 7.50 20.89 -1.88
N GLN A 364 7.51 20.01 -0.89
CA GLN A 364 8.74 19.38 -0.41
C GLN A 364 8.48 17.87 -0.20
N ILE A 365 7.67 17.31 -1.11
CA ILE A 365 7.29 15.89 -1.16
C ILE A 365 8.54 15.07 -1.49
N THR A 366 8.81 14.01 -0.69
CA THR A 366 9.98 13.15 -0.90
C THR A 366 9.60 11.83 -1.53
N GLU A 367 8.33 11.40 -1.39
CA GLU A 367 7.90 10.11 -1.93
C GLU A 367 6.43 10.11 -2.30
N ILE A 368 6.12 9.51 -3.47
CA ILE A 368 4.76 9.27 -3.96
C ILE A 368 4.53 7.75 -3.77
N PRO A 369 3.53 7.36 -2.95
CA PRO A 369 3.32 5.93 -2.65
C PRO A 369 2.87 5.13 -3.85
N ALA A 370 3.04 3.80 -3.76
CA ALA A 370 2.72 2.82 -4.80
C ALA A 370 1.26 2.90 -5.24
N ASN A 371 0.36 3.17 -4.29
CA ASN A 371 -1.05 3.21 -4.59
C ASN A 371 -1.63 4.62 -4.51
N PHE A 372 -0.79 5.63 -4.84
CA PHE A 372 -1.22 7.02 -4.68
C PHE A 372 -2.60 7.27 -5.30
N CYS A 373 -2.79 6.89 -6.59
CA CYS A 373 -4.05 7.06 -7.32
C CYS A 373 -4.05 6.29 -8.64
N GLY A 374 -5.22 6.28 -9.29
CA GLY A 374 -5.45 5.77 -10.63
C GLY A 374 -5.60 6.97 -11.55
N PHE A 375 -5.87 6.73 -12.84
CA PHE A 375 -6.04 7.83 -13.78
C PHE A 375 -7.12 7.54 -14.85
N THR A 376 -7.84 8.57 -15.27
CA THR A 376 -8.84 8.51 -16.34
C THR A 376 -8.11 8.53 -17.71
N GLU A 377 -8.75 8.01 -18.78
CA GLU A 377 -8.16 7.98 -20.13
C GLU A 377 -8.07 9.40 -20.74
N GLN A 378 -8.56 10.42 -20.01
CA GLN A 378 -8.61 11.81 -20.47
C GLN A 378 -7.43 12.68 -19.94
N VAL A 379 -6.49 12.09 -19.16
CA VAL A 379 -5.31 12.78 -18.60
C VAL A 379 -4.46 13.35 -19.72
N GLU A 380 -4.18 14.64 -19.65
CA GLU A 380 -3.32 15.28 -20.64
C GLU A 380 -1.95 15.46 -20.00
N ASN A 381 -1.84 16.36 -18.98
CA ASN A 381 -0.60 16.68 -18.29
C ASN A 381 -0.71 16.54 -16.77
N LEU A 382 0.38 16.04 -16.15
CA LEU A 382 0.56 15.90 -14.68
C LEU A 382 1.82 16.58 -14.24
N SER A 383 1.85 17.04 -12.98
CA SER A 383 3.04 17.69 -12.45
C SER A 383 3.36 17.34 -11.00
N PHE A 384 4.64 16.96 -10.81
CA PHE A 384 5.28 16.65 -9.54
C PHE A 384 6.50 17.52 -9.41
N ALA A 385 6.57 18.58 -10.24
CA ALA A 385 7.71 19.50 -10.30
C ALA A 385 7.91 20.26 -8.97
N HIS A 386 9.19 20.64 -8.70
CA HIS A 386 9.60 21.44 -7.54
C HIS A 386 9.19 20.77 -6.25
N ASN A 387 9.81 19.64 -5.98
CA ASN A 387 9.66 18.84 -4.76
C ASN A 387 11.02 18.25 -4.43
N LYS A 388 11.04 17.24 -3.57
CA LYS A 388 12.26 16.59 -3.14
C LYS A 388 12.19 15.09 -3.45
N LEU A 389 11.59 14.69 -4.59
CA LEU A 389 11.41 13.28 -4.96
C LEU A 389 12.74 12.59 -5.23
N LYS A 390 12.98 11.42 -4.58
CA LYS A 390 14.24 10.72 -4.81
C LYS A 390 14.15 9.81 -6.03
N TYR A 391 12.94 9.37 -6.36
CA TYR A 391 12.73 8.42 -7.46
C TYR A 391 11.51 8.74 -8.29
N ILE A 392 11.42 8.17 -9.52
CA ILE A 392 10.23 8.30 -10.37
C ILE A 392 9.21 7.29 -9.83
N PRO A 393 7.99 7.74 -9.45
CA PRO A 393 7.03 6.81 -8.82
C PRO A 393 6.42 5.79 -9.78
N ASN A 394 6.47 4.50 -9.40
CA ASN A 394 5.92 3.41 -10.21
C ASN A 394 4.37 3.32 -10.03
N ILE A 395 3.64 4.33 -10.54
CA ILE A 395 2.19 4.44 -10.42
C ILE A 395 1.53 4.53 -11.83
N PHE A 396 2.31 4.21 -12.87
CA PHE A 396 1.85 4.28 -14.26
C PHE A 396 2.05 2.95 -14.95
N ASP A 397 1.60 2.86 -16.22
CA ASP A 397 1.79 1.64 -17.01
C ASP A 397 2.03 2.01 -18.45
N ALA A 398 3.20 1.62 -18.97
CA ALA A 398 3.57 1.86 -20.37
C ALA A 398 2.60 1.12 -21.29
N LYS A 399 2.05 -0.02 -20.78
CA LYS A 399 1.13 -0.87 -21.51
C LYS A 399 -0.29 -0.25 -21.64
N SER A 400 -0.61 0.83 -20.91
CA SER A 400 -1.93 1.46 -21.02
C SER A 400 -2.15 2.02 -22.43
N VAL A 401 -3.38 1.88 -22.95
CA VAL A 401 -3.76 2.31 -24.30
C VAL A 401 -3.83 3.84 -24.39
N SER A 402 -4.34 4.50 -23.33
CA SER A 402 -4.44 5.95 -23.28
C SER A 402 -3.07 6.53 -22.97
N VAL A 403 -2.56 7.40 -23.86
CA VAL A 403 -1.23 7.98 -23.72
C VAL A 403 -1.38 9.42 -23.31
N SER A 405 -0.06 13.31 -22.51
CA SER A 405 0.72 14.27 -23.29
C SER A 405 2.13 14.44 -22.71
N ALA A 406 2.26 14.88 -21.44
CA ALA A 406 3.54 15.13 -20.77
C ALA A 406 3.43 15.01 -19.26
N ILE A 407 4.52 14.59 -18.61
CA ILE A 407 4.59 14.49 -17.15
C ILE A 407 5.81 15.30 -16.68
N ASP A 408 5.61 16.14 -15.67
CA ASP A 408 6.69 17.01 -15.20
C ASP A 408 7.23 16.51 -13.88
N PHE A 409 8.50 16.06 -13.91
CA PHE A 409 9.25 15.64 -12.72
C PHE A 409 10.45 16.57 -12.48
N SER A 410 10.49 17.73 -13.17
CA SER A 410 11.61 18.69 -13.07
C SER A 410 11.73 19.29 -11.64
N TYR A 411 12.97 19.68 -11.27
CA TYR A 411 13.30 20.26 -9.99
C TYR A 411 12.94 19.34 -8.87
N ASN A 412 13.60 18.19 -8.84
CA ASN A 412 13.47 17.17 -7.82
C ASN A 412 14.87 16.70 -7.47
N GLU A 413 14.98 15.56 -6.79
CA GLU A 413 16.25 14.99 -6.36
C GLU A 413 16.37 13.55 -6.88
N ILE A 414 15.84 13.31 -8.10
CA ILE A 414 15.84 11.98 -8.74
C ILE A 414 17.27 11.62 -9.10
N GLY A 415 17.71 10.43 -8.66
CA GLY A 415 19.06 9.90 -8.87
C GLY A 415 20.04 10.31 -7.79
N SER A 416 19.57 11.06 -6.77
CA SER A 416 20.43 11.53 -5.70
C SER A 416 20.84 10.40 -4.77
N VAL A 417 19.95 9.40 -4.56
CA VAL A 417 20.23 8.30 -3.64
C VAL A 417 20.90 7.19 -4.42
N ASP A 418 22.23 7.09 -4.25
CA ASP A 418 23.12 6.10 -4.87
C ASP A 418 22.92 6.01 -6.42
N GLY A 419 22.53 7.11 -7.05
CA GLY A 419 22.32 7.18 -8.50
C GLY A 419 21.17 6.35 -9.05
N LYS A 420 20.18 6.02 -8.20
CA LYS A 420 19.01 5.24 -8.60
C LYS A 420 17.86 6.17 -8.93
N ASN A 421 17.29 6.03 -10.14
CA ASN A 421 16.19 6.88 -10.62
C ASN A 421 14.84 6.30 -10.22
N PHE A 422 14.85 5.01 -9.81
CA PHE A 422 13.66 4.24 -9.39
C PHE A 422 13.95 3.53 -8.11
N ASP A 423 12.96 3.50 -7.19
CA ASP A 423 13.10 2.88 -5.86
C ASP A 423 13.61 1.47 -5.99
N PRO A 424 14.83 1.20 -5.45
CA PRO A 424 15.37 -0.17 -5.54
C PRO A 424 14.63 -1.14 -4.61
N LEU A 425 13.90 -0.60 -3.60
CA LEU A 425 13.12 -1.38 -2.65
C LEU A 425 11.67 -1.59 -3.15
N ASP A 426 11.38 -1.23 -4.42
CA ASP A 426 10.07 -1.46 -5.01
C ASP A 426 9.94 -2.96 -5.29
N PRO A 427 8.94 -3.66 -4.72
CA PRO A 427 8.85 -5.12 -4.95
C PRO A 427 8.41 -5.44 -6.40
N THR A 428 7.57 -4.55 -6.98
CA THR A 428 7.07 -4.65 -8.35
C THR A 428 8.07 -3.96 -9.29
N PRO A 429 8.50 -4.60 -10.40
CA PRO A 429 9.43 -3.89 -11.31
C PRO A 429 8.71 -2.75 -12.03
N PHE A 430 9.46 -1.68 -12.32
CA PHE A 430 8.94 -0.46 -12.98
C PHE A 430 8.18 -0.83 -14.25
N LYS A 431 6.93 -0.40 -14.32
CA LYS A 431 5.97 -0.73 -15.38
C LYS A 431 5.97 0.34 -16.47
N GLY A 432 6.92 1.26 -16.42
CA GLY A 432 7.03 2.34 -17.40
C GLY A 432 5.96 3.39 -17.25
N ILE A 433 5.91 4.34 -18.19
CA ILE A 433 4.94 5.44 -18.18
C ILE A 433 4.32 5.58 -19.56
N ASN A 434 2.98 5.64 -19.60
CA ASN A 434 2.16 5.83 -20.80
C ASN A 434 2.06 7.31 -21.09
N VAL A 435 3.18 7.92 -21.53
CA VAL A 435 3.25 9.37 -21.79
C VAL A 435 4.15 9.63 -22.99
N SER A 436 3.85 10.70 -23.75
CA SER A 436 4.61 11.14 -24.93
C SER A 436 5.84 11.96 -24.53
N SER A 437 5.74 12.78 -23.45
CA SER A 437 6.87 13.62 -23.04
C SER A 437 7.18 13.52 -21.55
N ILE A 438 8.47 13.40 -21.19
CA ILE A 438 8.85 13.33 -19.78
C ILE A 438 9.87 14.45 -19.53
N ASN A 439 9.59 15.24 -18.51
CA ASN A 439 10.46 16.35 -18.13
C ASN A 439 11.18 15.95 -16.86
N LEU A 440 12.43 15.55 -17.01
CA LEU A 440 13.29 15.15 -15.90
C LEU A 440 14.43 16.16 -15.70
N SER A 441 14.27 17.41 -16.23
CA SER A 441 15.30 18.47 -16.10
C SER A 441 15.45 18.90 -14.63
N ASN A 442 16.60 19.48 -14.28
CA ASN A 442 16.98 19.93 -12.92
C ASN A 442 16.74 18.84 -11.86
N ASN A 443 17.51 17.75 -11.97
CA ASN A 443 17.49 16.64 -11.01
C ASN A 443 18.94 16.24 -10.71
N GLN A 444 19.18 15.01 -10.22
CA GLN A 444 20.53 14.57 -9.90
C GLN A 444 20.80 13.23 -10.57
N ILE A 445 20.26 13.06 -11.82
CA ILE A 445 20.38 11.83 -12.61
C ILE A 445 21.83 11.66 -13.13
N SER A 446 22.53 10.60 -12.69
CA SER A 446 23.93 10.29 -13.11
C SER A 446 24.00 9.05 -14.04
N LYS A 447 22.92 8.27 -14.08
CA LYS A 447 22.75 7.06 -14.87
C LYS A 447 21.54 7.25 -15.73
N PHE A 448 21.65 6.95 -17.04
CA PHE A 448 20.56 7.14 -17.99
C PHE A 448 19.34 6.29 -17.60
N PRO A 449 18.12 6.89 -17.57
CA PRO A 449 16.92 6.11 -17.17
C PRO A 449 16.42 5.14 -18.27
N LYS A 450 17.20 4.07 -18.51
CA LYS A 450 16.97 3.03 -19.51
C LYS A 450 15.63 2.33 -19.33
N GLU A 451 15.21 2.13 -18.07
CA GLU A 451 13.97 1.45 -17.71
C GLU A 451 12.72 2.15 -18.29
N LEU A 452 12.84 3.41 -18.73
CA LEU A 452 11.71 4.09 -19.38
C LEU A 452 11.46 3.51 -20.75
N PHE A 453 12.57 3.18 -21.43
CA PHE A 453 12.61 2.65 -22.78
C PHE A 453 12.46 1.13 -22.79
N SER A 454 13.11 0.39 -21.86
CA SER A 454 12.98 -1.07 -21.83
C SER A 454 11.52 -1.49 -21.53
N THR A 455 10.75 -0.68 -20.81
CA THR A 455 9.34 -0.98 -20.52
C THR A 455 8.40 -0.59 -21.67
N GLY A 456 8.95 0.10 -22.68
CA GLY A 456 8.24 0.52 -23.87
C GLY A 456 7.33 1.72 -23.68
N SER A 457 7.85 2.75 -22.99
CA SER A 457 7.08 3.98 -22.79
C SER A 457 6.98 4.67 -24.15
N PRO A 458 5.78 5.18 -24.55
CA PRO A 458 5.63 5.76 -25.89
C PRO A 458 6.20 7.19 -25.94
N LEU A 459 7.43 7.35 -25.47
CA LEU A 459 8.10 8.64 -25.40
C LEU A 459 8.58 9.16 -26.76
N SER A 460 8.08 10.34 -27.14
CA SER A 460 8.49 11.02 -28.35
C SER A 460 9.53 12.14 -27.98
N SER A 461 9.57 12.56 -26.71
CA SER A 461 10.51 13.57 -26.24
C SER A 461 10.88 13.38 -24.77
N ILE A 462 12.15 13.65 -24.44
CA ILE A 462 12.69 13.53 -23.10
C ILE A 462 13.55 14.78 -22.77
N ASN A 463 13.38 15.29 -21.56
CA ASN A 463 14.18 16.42 -21.11
C ASN A 463 15.01 15.98 -19.97
N LEU A 464 16.31 15.89 -20.17
CA LEU A 464 17.26 15.44 -19.14
C LEU A 464 18.25 16.56 -18.83
N GLY A 466 20.16 19.62 -17.15
CA GLY A 466 20.48 19.96 -15.78
C GLY A 466 20.53 18.77 -14.87
N ASN A 467 21.38 17.80 -15.21
CA ASN A 467 21.56 16.59 -14.43
C ASN A 467 23.05 16.28 -14.26
N LEU A 469 24.72 13.44 -15.78
CA LEU A 469 25.18 12.48 -16.78
C LEU A 469 26.59 12.85 -17.26
N THR A 470 27.45 11.83 -17.39
CA THR A 470 28.84 11.96 -17.87
C THR A 470 29.00 11.20 -19.18
N GLU A 471 28.13 10.19 -19.41
CA GLU A 471 28.09 9.43 -20.66
C GLU A 471 26.81 8.57 -20.74
N ILE A 472 26.31 8.39 -21.99
CA ILE A 472 25.16 7.55 -22.35
C ILE A 472 25.80 6.36 -23.07
N PRO A 473 26.20 5.31 -22.30
CA PRO A 473 26.94 4.19 -22.90
C PRO A 473 26.12 3.28 -23.80
N LYS A 474 26.84 2.32 -24.40
CA LYS A 474 26.49 1.28 -25.37
C LYS A 474 25.00 0.91 -25.28
N ASN A 475 24.52 0.23 -24.22
CA ASN A 475 23.13 -0.17 -24.26
C ASN A 475 22.29 0.64 -23.26
N SER A 476 21.89 1.84 -23.69
CA SER A 476 21.11 2.75 -22.86
C SER A 476 19.70 2.93 -23.43
N LEU A 477 19.53 2.81 -24.76
CA LEU A 477 18.24 2.96 -25.43
C LEU A 477 17.80 1.64 -26.09
N LYS A 478 18.65 0.62 -25.94
CA LYS A 478 18.42 -0.70 -26.49
C LYS A 478 19.18 -1.76 -25.67
N ASP A 479 18.89 -3.05 -25.96
CA ASP A 479 19.63 -4.23 -25.46
C ASP A 479 20.61 -4.60 -26.56
N GLU A 480 21.72 -5.27 -26.23
CA GLU A 480 22.80 -5.61 -27.16
C GLU A 480 22.32 -6.05 -28.56
N ASN A 481 21.35 -6.98 -28.66
CA ASN A 481 20.98 -7.44 -29.99
C ASN A 481 19.46 -7.24 -30.29
N GLU A 482 18.80 -6.36 -29.54
CA GLU A 482 17.39 -6.09 -29.78
C GLU A 482 17.01 -4.65 -29.36
N ASN A 483 16.21 -3.99 -30.20
CA ASN A 483 15.70 -2.64 -29.92
C ASN A 483 14.43 -2.73 -29.13
N PHE A 484 14.02 -1.66 -28.46
CA PHE A 484 12.77 -1.75 -27.70
C PHE A 484 11.59 -1.35 -28.58
N LYS A 485 10.40 -1.83 -28.21
CA LYS A 485 9.13 -1.65 -28.91
C LYS A 485 8.91 -0.21 -29.43
N ASN A 486 9.12 0.83 -28.59
CA ASN A 486 8.74 2.18 -28.98
C ASN A 486 9.88 3.23 -29.07
N THR A 487 11.16 2.85 -28.98
CA THR A 487 12.25 3.84 -29.07
C THR A 487 12.27 4.58 -30.43
N TYR A 488 11.62 4.01 -31.47
CA TYR A 488 11.54 4.61 -32.80
C TYR A 488 10.73 5.91 -32.75
N LEU A 489 9.88 6.08 -31.71
CA LEU A 489 9.06 7.28 -31.48
C LEU A 489 9.84 8.49 -30.97
N LEU A 490 11.02 8.28 -30.35
CA LEU A 490 11.82 9.36 -29.74
C LEU A 490 12.36 10.30 -30.81
N THR A 491 11.81 11.51 -30.87
CA THR A 491 12.19 12.53 -31.85
C THR A 491 12.86 13.77 -31.19
N SER A 492 12.81 13.93 -29.85
CA SER A 492 13.45 15.07 -29.17
C SER A 492 14.20 14.64 -27.94
N ILE A 493 15.49 15.03 -27.83
CA ILE A 493 16.35 14.72 -26.71
C ILE A 493 17.06 16.00 -26.24
N ASP A 494 16.74 16.47 -25.00
CA ASP A 494 17.37 17.61 -24.37
C ASP A 494 18.32 17.12 -23.30
N LEU A 495 19.62 17.32 -23.54
CA LEU A 495 20.67 16.89 -22.62
C LEU A 495 21.58 18.04 -22.22
N ARG A 496 21.09 19.29 -22.35
CA ARG A 496 21.85 20.47 -21.95
C ARG A 496 22.23 20.41 -20.48
N PHE A 497 23.31 21.10 -20.11
CA PHE A 497 23.76 21.25 -18.74
C PHE A 497 23.94 19.92 -18.07
N ASN A 498 24.87 19.15 -18.59
CA ASN A 498 25.32 17.90 -18.02
C ASN A 498 26.85 17.94 -18.10
N LYS A 499 27.51 16.79 -17.94
CA LYS A 499 28.95 16.75 -18.00
C LYS A 499 29.34 15.65 -18.96
N LEU A 500 28.56 15.52 -20.08
CA LEU A 500 28.70 14.48 -21.09
C LEU A 500 29.95 14.62 -21.92
N THR A 501 30.70 13.51 -22.07
CA THR A 501 31.91 13.39 -22.90
C THR A 501 31.72 12.37 -23.99
N LYS A 502 30.72 11.47 -23.83
CA LYS A 502 30.46 10.40 -24.79
C LYS A 502 29.01 10.03 -24.93
N LEU A 503 28.67 9.60 -26.14
CA LEU A 503 27.38 9.01 -26.45
C LEU A 503 27.67 7.54 -26.85
N SER A 504 26.87 6.93 -27.75
CA SER A 504 26.98 5.55 -28.22
C SER A 504 26.31 5.43 -29.54
N ASP A 505 26.38 4.25 -30.18
CA ASP A 505 25.75 4.02 -31.48
C ASP A 505 24.24 3.88 -31.33
N ASP A 506 23.76 4.05 -30.08
CA ASP A 506 22.34 4.10 -29.73
C ASP A 506 21.68 5.30 -30.37
N PHE A 507 22.47 6.30 -30.81
CA PHE A 507 21.90 7.53 -31.37
C PHE A 507 21.82 7.48 -32.92
N ARG A 508 22.42 6.46 -33.54
CA ARG A 508 22.36 6.26 -34.98
C ARG A 508 20.93 5.84 -35.40
N ALA A 509 20.59 5.99 -36.68
CA ALA A 509 19.26 5.71 -37.24
C ALA A 509 18.80 4.24 -37.02
N THR A 510 19.71 3.35 -36.60
CA THR A 510 19.41 1.93 -36.33
C THR A 510 18.50 1.78 -35.10
N THR A 511 18.53 2.73 -34.17
CA THR A 511 17.72 2.63 -32.96
C THR A 511 16.74 3.85 -32.90
N LEU A 512 17.24 5.07 -33.28
CA LEU A 512 16.52 6.35 -33.35
C LEU A 512 16.30 6.79 -34.82
N PRO A 513 15.49 6.07 -35.64
CA PRO A 513 15.36 6.44 -37.06
C PRO A 513 14.62 7.74 -37.34
N TYR A 514 13.89 8.30 -36.37
CA TYR A 514 13.09 9.48 -36.60
C TYR A 514 13.50 10.69 -35.74
N LEU A 515 14.74 10.69 -35.19
CA LEU A 515 15.23 11.79 -34.37
C LEU A 515 15.11 13.13 -35.13
N VAL A 516 14.56 14.18 -34.47
CA VAL A 516 14.37 15.48 -35.12
C VAL A 516 15.30 16.53 -34.47
N GLY A 517 15.35 16.55 -33.14
CA GLY A 517 16.15 17.50 -32.39
C GLY A 517 16.91 16.91 -31.24
N ILE A 518 18.14 17.34 -31.09
CA ILE A 518 19.01 16.96 -30.01
C ILE A 518 19.82 18.20 -29.57
N ASP A 519 19.80 18.48 -28.25
CA ASP A 519 20.57 19.60 -27.74
C ASP A 519 21.55 19.12 -26.68
N LEU A 520 22.82 19.14 -27.01
CA LEU A 520 23.94 18.75 -26.16
C LEU A 520 24.72 19.98 -25.68
N SER A 521 24.11 21.18 -25.78
CA SER A 521 24.76 22.40 -25.36
C SER A 521 25.05 22.37 -23.88
N TYR A 522 26.25 22.90 -23.50
CA TYR A 522 26.72 22.96 -22.11
C TYR A 522 27.03 21.57 -21.59
N ASN A 523 28.02 20.95 -22.19
CA ASN A 523 28.49 19.63 -21.85
C ASN A 523 30.02 19.59 -21.96
N SER A 524 30.63 18.41 -22.00
CA SER A 524 32.09 18.34 -21.94
C SER A 524 32.71 17.56 -23.08
N PHE A 525 32.07 17.52 -24.24
CA PHE A 525 32.60 16.84 -25.41
C PHE A 525 33.86 17.51 -25.91
N SER A 526 34.91 16.70 -26.15
CA SER A 526 36.17 17.12 -26.77
C SER A 526 36.26 16.47 -28.17
N LYS A 527 35.60 15.28 -28.30
CA LYS A 527 35.41 14.49 -29.51
C LYS A 527 33.96 14.62 -29.91
N PHE A 528 33.69 15.09 -31.13
CA PHE A 528 32.34 15.33 -31.60
C PHE A 528 31.44 14.07 -31.59
N PRO A 529 30.27 14.12 -30.88
CA PRO A 529 29.34 12.99 -30.92
C PRO A 529 28.59 12.99 -32.26
N THR A 530 29.18 12.31 -33.25
CA THR A 530 28.63 12.31 -34.59
C THR A 530 27.43 11.35 -34.73
N GLN A 531 27.25 10.40 -33.79
CA GLN A 531 26.21 9.35 -33.84
C GLN A 531 24.80 9.92 -34.14
N PRO A 532 24.29 11.00 -33.46
CA PRO A 532 22.94 11.48 -33.79
C PRO A 532 22.81 12.09 -35.21
N LEU A 533 23.94 12.30 -35.91
CA LEU A 533 23.94 12.86 -37.27
C LEU A 533 23.58 11.81 -38.34
N ASN A 534 23.47 10.53 -37.96
CA ASN A 534 23.13 9.39 -38.85
C ASN A 534 21.66 9.44 -39.28
N SER A 535 20.82 10.15 -38.55
CA SER A 535 19.41 10.32 -38.82
C SER A 535 19.18 11.11 -40.13
N SER A 536 18.23 10.64 -40.94
CA SER A 536 17.83 11.32 -42.16
C SER A 536 16.75 12.37 -41.88
N THR A 537 16.18 12.36 -40.64
CA THR A 537 15.07 13.23 -40.21
C THR A 537 15.52 14.42 -39.33
N LEU A 538 16.74 14.36 -38.76
CA LEU A 538 17.33 15.37 -37.87
C LEU A 538 17.28 16.75 -38.48
N LYS A 539 16.58 17.67 -37.79
CA LYS A 539 16.38 19.06 -38.18
C LYS A 539 17.29 20.03 -37.41
N GLY A 540 17.56 19.74 -36.13
CA GLY A 540 18.41 20.61 -35.31
C GLY A 540 19.39 19.92 -34.37
N PHE A 541 20.57 20.52 -34.25
CA PHE A 541 21.68 20.03 -33.42
C PHE A 541 22.32 21.20 -32.66
N GLY A 542 22.47 21.02 -31.34
CA GLY A 542 23.07 22.01 -30.45
C GLY A 542 24.24 21.41 -29.70
N ILE A 543 25.39 22.09 -29.76
CA ILE A 543 26.62 21.64 -29.10
C ILE A 543 27.41 22.89 -28.66
N ARG A 544 26.67 23.94 -28.28
CA ARG A 544 27.22 25.19 -27.77
CA ARG A 544 27.23 25.19 -27.76
C ARG A 544 27.94 25.01 -26.42
N ASN A 545 28.86 25.94 -26.09
CA ASN A 545 29.62 26.09 -24.83
CA ASN A 545 29.61 26.11 -24.84
C ASN A 545 30.11 24.76 -24.21
N GLN A 546 30.93 23.99 -24.94
CA GLN A 546 31.50 22.75 -24.38
C GLN A 546 32.70 23.12 -23.48
N ARG A 547 32.63 22.72 -22.21
CA ARG A 547 33.66 23.03 -21.20
C ARG A 547 33.99 21.85 -20.30
N ASP A 548 35.23 21.79 -19.76
CA ASP A 548 35.60 20.75 -18.82
C ASP A 548 35.46 21.32 -17.39
N ALA A 549 35.85 20.54 -16.36
CA ALA A 549 35.77 20.99 -14.97
C ALA A 549 36.61 22.26 -14.71
N GLN A 550 37.76 22.37 -15.41
CA GLN A 550 38.72 23.47 -15.27
C GLN A 550 38.33 24.70 -16.12
N GLY A 551 37.21 24.61 -16.85
CA GLY A 551 36.67 25.70 -17.67
C GLY A 551 37.33 25.88 -19.03
N ASN A 552 38.00 24.84 -19.52
CA ASN A 552 38.65 24.88 -20.82
C ASN A 552 37.64 24.51 -21.89
N ARG A 553 37.78 25.13 -23.08
CA ARG A 553 36.91 24.89 -24.24
C ARG A 553 37.37 23.60 -24.88
N THR A 554 36.62 22.51 -24.61
CA THR A 554 36.94 21.15 -25.05
C THR A 554 36.70 20.87 -26.53
N LEU A 555 35.63 21.45 -27.16
CA LEU A 555 35.31 21.12 -28.55
C LEU A 555 36.06 21.99 -29.56
N ARG A 556 37.03 21.35 -30.23
CA ARG A 556 37.88 21.96 -31.23
C ARG A 556 37.60 21.35 -32.63
N GLU A 557 36.89 20.19 -32.65
CA GLU A 557 36.54 19.38 -33.83
C GLU A 557 35.21 19.80 -34.48
N TRP A 558 35.25 20.12 -35.79
CA TRP A 558 34.07 20.42 -36.57
C TRP A 558 33.48 19.08 -37.06
N PRO A 559 32.16 18.87 -37.02
CA PRO A 559 31.61 17.60 -37.52
C PRO A 559 31.63 17.54 -39.05
N GLU A 560 32.79 17.15 -39.63
CA GLU A 560 32.93 17.07 -41.08
C GLU A 560 31.93 16.06 -41.62
N GLY A 561 31.14 16.52 -42.59
CA GLY A 561 30.08 15.72 -43.18
C GLY A 561 28.68 16.16 -42.78
N ILE A 562 28.56 17.06 -41.77
CA ILE A 562 27.27 17.55 -41.27
C ILE A 562 26.45 18.22 -42.42
N THR A 563 27.11 18.78 -43.46
CA THR A 563 26.37 19.41 -44.57
C THR A 563 25.62 18.34 -45.39
N LEU A 564 25.93 17.05 -45.14
CA LEU A 564 25.27 15.94 -45.81
C LEU A 564 24.04 15.44 -45.01
N CYS A 565 23.66 16.10 -43.89
CA CYS A 565 22.44 15.75 -43.15
C CYS A 565 21.26 16.29 -43.96
N PRO A 566 20.48 15.37 -44.57
CA PRO A 566 19.45 15.82 -45.54
C PRO A 566 18.40 16.76 -44.96
N SER A 567 18.02 16.58 -43.69
CA SER A 567 16.97 17.40 -43.09
C SER A 567 17.50 18.52 -42.21
N LEU A 568 18.82 18.54 -41.88
CA LEU A 568 19.35 19.53 -40.93
C LEU A 568 19.24 20.96 -41.44
N THR A 569 18.57 21.83 -40.67
CA THR A 569 18.39 23.25 -41.03
C THR A 569 18.94 24.19 -39.94
N GLN A 570 19.27 23.67 -38.76
CA GLN A 570 19.82 24.52 -37.71
C GLN A 570 20.95 23.82 -36.96
N LEU A 571 22.13 24.47 -36.93
CA LEU A 571 23.30 24.00 -36.21
C LEU A 571 23.83 25.07 -35.30
N GLN A 572 23.89 24.76 -34.01
CA GLN A 572 24.42 25.65 -32.99
C GLN A 572 25.71 25.07 -32.46
N ILE A 573 26.85 25.70 -32.80
CA ILE A 573 28.18 25.23 -32.38
C ILE A 573 29.01 26.42 -31.80
N GLY A 574 28.32 27.50 -31.46
CA GLY A 574 28.95 28.68 -30.90
C GLY A 574 29.57 28.49 -29.52
N SER A 575 30.49 29.41 -29.17
CA SER A 575 31.22 29.50 -27.89
C SER A 575 31.96 28.19 -27.62
N ASN A 576 32.77 27.77 -28.59
CA ASN A 576 33.64 26.59 -28.51
C ASN A 576 35.02 27.03 -28.97
N ASP A 577 35.82 26.10 -29.50
CA ASP A 577 37.13 26.41 -30.04
C ASP A 577 37.32 25.70 -31.39
N ILE A 578 36.28 25.78 -32.24
CA ILE A 578 36.28 25.15 -33.56
C ILE A 578 37.39 25.80 -34.39
N ARG A 579 38.13 24.96 -35.11
CA ARG A 579 39.27 25.36 -35.93
C ARG A 579 38.90 25.32 -37.42
N LYS A 580 39.55 24.46 -38.21
CA LYS A 580 39.34 24.39 -39.66
C LYS A 580 38.09 23.59 -40.00
N VAL A 581 37.23 24.24 -40.83
CA VAL A 581 35.99 23.71 -41.39
C VAL A 581 36.28 23.50 -42.89
N ASN A 582 36.41 22.23 -43.31
CA ASN A 582 36.80 21.90 -44.68
C ASN A 582 35.65 22.07 -45.65
N GLU A 583 34.49 21.43 -45.39
CA GLU A 583 33.31 21.51 -46.26
C GLU A 583 32.73 22.93 -46.31
N LYS A 584 32.28 23.35 -47.50
CA LYS A 584 31.60 24.63 -47.68
C LYS A 584 30.21 24.49 -47.06
N ILE A 585 29.78 25.49 -46.28
CA ILE A 585 28.46 25.44 -45.65
C ILE A 585 27.40 25.52 -46.76
N THR A 586 26.39 24.67 -46.63
CA THR A 586 25.30 24.53 -47.59
C THR A 586 24.10 25.43 -47.17
N PRO A 587 23.34 25.98 -48.13
CA PRO A 587 22.22 26.87 -47.77
C PRO A 587 21.08 26.21 -46.97
N ASN A 588 20.97 24.86 -46.98
CA ASN A 588 19.92 24.17 -46.23
C ASN A 588 20.12 24.36 -44.73
N ILE A 589 21.39 24.57 -44.25
CA ILE A 589 21.61 24.86 -42.83
C ILE A 589 21.40 26.38 -42.72
N SER A 590 20.11 26.82 -42.74
CA SER A 590 19.65 28.22 -42.79
C SER A 590 19.78 28.94 -41.45
N VAL A 591 20.01 28.22 -40.34
CA VAL A 591 20.27 28.84 -39.04
C VAL A 591 21.59 28.26 -38.52
N LEU A 592 22.67 29.06 -38.59
CA LEU A 592 23.98 28.60 -38.16
C LEU A 592 24.60 29.56 -37.16
N ASP A 593 24.87 29.03 -35.97
CA ASP A 593 25.54 29.77 -34.90
C ASP A 593 26.96 29.27 -34.79
N ILE A 594 27.91 30.12 -35.18
CA ILE A 594 29.34 29.83 -35.08
C ILE A 594 30.02 30.90 -34.22
N LYS A 595 29.21 31.79 -33.60
CA LYS A 595 29.68 32.95 -32.84
C LYS A 595 30.56 32.51 -31.69
N ASP A 596 31.63 33.29 -31.43
CA ASP A 596 32.61 33.06 -30.36
C ASP A 596 33.32 31.71 -30.58
N ASN A 597 34.08 31.64 -31.67
CA ASN A 597 34.95 30.54 -32.09
C ASN A 597 36.13 31.26 -32.71
N PRO A 598 36.94 31.93 -31.88
CA PRO A 598 37.99 32.81 -32.42
C PRO A 598 39.03 32.15 -33.34
N ASN A 599 39.16 30.82 -33.34
CA ASN A 599 40.18 30.21 -34.20
C ASN A 599 39.56 29.43 -35.36
N ILE A 600 38.28 29.72 -35.70
CA ILE A 600 37.55 29.06 -36.78
C ILE A 600 38.10 29.52 -38.14
N SER A 601 37.97 28.64 -39.14
CA SER A 601 38.32 28.86 -40.55
C SER A 601 37.23 28.17 -41.35
N ILE A 602 36.21 28.96 -41.79
CA ILE A 602 34.99 28.51 -42.46
C ILE A 602 34.73 29.32 -43.76
N ASP A 603 34.29 28.59 -44.82
CA ASP A 603 33.95 29.12 -46.14
C ASP A 603 32.41 29.18 -46.28
N LEU A 604 31.87 30.39 -46.32
CA LEU A 604 30.42 30.61 -46.42
C LEU A 604 30.00 31.09 -47.83
N SER A 605 30.78 30.72 -48.86
CA SER A 605 30.57 31.11 -50.26
C SER A 605 29.16 30.84 -50.76
N TYR A 606 28.62 29.65 -50.44
CA TYR A 606 27.32 29.17 -50.91
C TYR A 606 26.15 29.79 -50.18
N VAL A 607 26.35 30.18 -48.92
CA VAL A 607 25.27 30.75 -48.10
C VAL A 607 25.22 32.28 -48.25
N CYS A 608 26.29 32.90 -48.80
CA CYS A 608 26.39 34.34 -48.95
C CYS A 608 25.17 34.94 -49.71
N PRO A 609 24.80 34.51 -50.95
CA PRO A 609 23.63 35.13 -51.61
C PRO A 609 22.35 35.00 -50.79
N TYR A 610 22.26 33.98 -49.92
CA TYR A 610 21.12 33.76 -49.03
C TYR A 610 21.15 34.76 -47.88
N ILE A 611 22.37 35.12 -47.43
CA ILE A 611 22.59 36.07 -46.36
C ILE A 611 22.11 37.46 -46.88
N GLU A 612 22.65 37.90 -48.03
CA GLU A 612 22.33 39.18 -48.68
C GLU A 612 20.83 39.32 -48.99
N ALA A 613 20.15 38.20 -49.30
CA ALA A 613 18.70 38.17 -49.59
C ALA A 613 17.84 38.17 -48.32
N GLY A 614 18.49 38.09 -47.15
CA GLY A 614 17.81 38.01 -45.87
C GLY A 614 17.10 36.68 -45.70
N TYR A 616 18.87 33.88 -44.73
CA TYR A 616 19.79 33.16 -43.88
C TYR A 616 19.90 33.81 -42.49
N LEU A 618 22.72 33.89 -39.56
CA LEU A 618 24.09 33.57 -39.13
C LEU A 618 24.52 34.39 -37.91
N PHE A 619 24.98 33.68 -36.87
CA PHE A 619 25.53 34.25 -35.63
C PHE A 619 27.03 34.12 -35.73
N TYR A 620 27.73 35.26 -35.79
CA TYR A 620 29.17 35.28 -36.00
C TYR A 620 29.83 36.55 -35.42
N ASP A 621 31.18 36.59 -35.49
CA ASP A 621 32.01 37.74 -35.11
C ASP A 621 32.76 38.19 -36.33
N LYS A 622 32.81 39.52 -36.59
CA LYS A 622 33.50 40.07 -37.78
C LYS A 622 35.01 39.81 -37.69
N THR A 623 35.51 39.43 -36.50
CA THR A 623 36.92 39.09 -36.24
C THR A 623 37.24 37.64 -36.63
N GLN A 624 36.22 36.81 -36.94
CA GLN A 624 36.42 35.41 -37.29
C GLN A 624 36.93 35.29 -38.71
N ASP A 625 37.71 34.22 -39.01
CA ASP A 625 38.24 33.95 -40.33
C ASP A 625 37.15 33.28 -41.21
N ILE A 626 36.21 34.11 -41.69
CA ILE A 626 35.10 33.72 -42.56
C ILE A 626 35.45 34.08 -44.02
N ARG A 627 35.43 33.08 -44.90
CA ARG A 627 35.73 33.29 -46.32
C ARG A 627 34.45 33.21 -47.16
N GLY A 628 34.48 33.88 -48.31
CA GLY A 628 33.41 33.84 -49.30
C GLY A 628 32.22 34.76 -49.17
N CYS A 629 32.26 35.73 -48.24
CA CYS A 629 31.15 36.65 -48.06
C CYS A 629 31.66 38.01 -47.58
N ASP A 630 31.84 38.94 -48.55
CA ASP A 630 32.36 40.28 -48.28
C ASP A 630 31.34 41.10 -47.49
N ALA A 631 30.04 40.85 -47.77
CA ALA A 631 28.87 41.51 -47.18
C ALA A 631 28.81 41.37 -45.65
N LEU A 632 29.68 40.51 -45.05
CA LEU A 632 29.70 40.27 -43.60
C LEU A 632 30.63 41.24 -42.86
N ASP A 633 31.39 42.08 -43.59
CA ASP A 633 32.32 43.09 -43.05
C ASP A 633 33.36 42.40 -42.14
N ILE A 634 34.07 41.40 -42.69
CA ILE A 634 35.09 40.66 -41.95
C ILE A 634 36.34 41.56 -41.78
N LYS A 635 36.69 41.87 -40.51
CA LYS A 635 37.82 42.72 -40.13
C LYS A 635 39.16 42.09 -40.53
N ARG B 24 -5.88 6.35 60.25
CA ARG B 24 -5.61 5.67 58.99
C ARG B 24 -5.63 4.16 59.17
N THR B 25 -5.55 3.40 58.07
CA THR B 25 -5.55 1.95 58.10
C THR B 25 -4.49 1.49 57.05
N ALA B 26 -3.77 0.37 57.36
CA ALA B 26 -2.67 -0.18 56.53
C ALA B 26 -3.11 -0.49 55.12
N GLU B 27 -2.18 -0.28 54.15
CA GLU B 27 -2.44 -0.48 52.73
C GLU B 27 -2.78 -1.94 52.38
N TYR B 28 -2.23 -2.94 53.11
CA TYR B 28 -2.53 -4.34 52.84
C TYR B 28 -4.01 -4.63 53.21
N ILE B 29 -4.54 -3.98 54.25
CA ILE B 29 -5.94 -4.09 54.67
C ILE B 29 -6.84 -3.43 53.61
N LYS B 30 -6.44 -2.22 53.12
CA LYS B 30 -7.14 -1.45 52.08
C LYS B 30 -7.33 -2.30 50.81
N ASP B 31 -6.31 -3.12 50.50
CA ASP B 31 -6.29 -4.05 49.37
C ASP B 31 -7.32 -5.15 49.59
N TYR B 32 -7.40 -5.64 50.83
CA TYR B 32 -8.27 -6.75 51.23
C TYR B 32 -9.72 -6.32 51.14
N LEU B 33 -10.01 -5.07 51.51
CA LEU B 33 -11.36 -4.51 51.40
C LEU B 33 -11.69 -4.25 49.93
N ALA B 34 -10.65 -4.00 49.11
CA ALA B 34 -10.83 -3.77 47.69
C ALA B 34 -11.17 -5.10 47.01
N LEU B 35 -10.61 -6.23 47.53
CA LEU B 35 -10.89 -7.58 47.04
C LEU B 35 -12.35 -7.96 47.32
N LYS B 36 -12.82 -7.71 48.56
CA LYS B 36 -14.18 -8.01 48.98
C LYS B 36 -15.17 -7.19 48.13
N GLU B 37 -14.84 -5.94 47.81
CA GLU B 37 -15.65 -5.09 46.95
C GLU B 37 -15.74 -5.68 45.51
N ILE B 38 -14.64 -6.31 45.04
CA ILE B 38 -14.54 -6.90 43.69
C ILE B 38 -15.37 -8.17 43.65
N TRP B 39 -15.20 -9.04 44.65
CA TRP B 39 -15.91 -10.31 44.84
C TRP B 39 -17.44 -10.05 44.86
N ASP B 40 -17.89 -9.08 45.67
CA ASP B 40 -19.29 -8.66 45.79
C ASP B 40 -19.88 -8.22 44.44
N ALA B 41 -19.16 -7.35 43.70
CA ALA B 41 -19.56 -6.81 42.42
C ALA B 41 -19.61 -7.87 41.31
N LEU B 42 -18.79 -8.92 41.42
CA LEU B 42 -18.68 -9.97 40.40
C LEU B 42 -19.42 -11.26 40.83
N ASN B 43 -20.47 -11.10 41.70
CA ASN B 43 -21.35 -12.18 42.17
CA ASN B 43 -21.36 -12.14 42.22
C ASN B 43 -20.54 -13.36 42.75
N GLY B 44 -19.49 -13.03 43.51
CA GLY B 44 -18.57 -13.97 44.14
C GLY B 44 -19.16 -15.12 44.93
N LYS B 45 -20.34 -14.94 45.52
CA LYS B 45 -21.00 -15.99 46.32
C LYS B 45 -21.41 -17.16 45.43
N ASN B 46 -21.52 -16.94 44.10
CA ASN B 46 -21.95 -17.98 43.17
C ASN B 46 -20.81 -18.51 42.28
N TRP B 47 -19.56 -18.10 42.58
CA TRP B 47 -18.36 -18.60 41.91
C TRP B 47 -18.15 -20.07 42.18
N SER B 48 -17.64 -20.82 41.20
CA SER B 48 -17.31 -22.25 41.39
C SER B 48 -16.19 -22.56 40.43
N GLN B 49 -14.97 -22.76 40.97
CA GLN B 49 -13.81 -22.97 40.11
C GLN B 49 -13.81 -24.33 39.41
N GLN B 50 -13.26 -24.30 38.20
CA GLN B 50 -13.05 -25.41 37.29
C GLN B 50 -11.63 -25.29 36.78
N GLY B 51 -10.79 -26.27 37.10
CA GLY B 51 -9.41 -26.25 36.65
C GLY B 51 -8.73 -27.60 36.61
N PHE B 52 -7.56 -27.64 35.94
CA PHE B 52 -6.72 -28.84 35.75
C PHE B 52 -5.93 -29.16 37.03
N GLY B 53 -5.09 -28.20 37.44
CA GLY B 53 -4.30 -28.26 38.66
C GLY B 53 -5.03 -27.59 39.81
N THR B 54 -6.19 -26.98 39.49
CA THR B 54 -7.08 -26.26 40.39
C THR B 54 -8.12 -27.25 41.02
N GLN B 55 -8.36 -27.09 42.35
CA GLN B 55 -9.34 -27.85 43.15
C GLN B 55 -10.75 -27.46 42.70
N PRO B 56 -11.50 -28.36 41.98
CA PRO B 56 -12.83 -27.98 41.49
C PRO B 56 -13.80 -27.56 42.62
N GLY B 57 -14.41 -26.38 42.43
CA GLY B 57 -15.36 -25.79 43.36
C GLY B 57 -14.81 -24.74 44.31
N ALA B 58 -13.52 -24.42 44.20
CA ALA B 58 -12.83 -23.43 45.04
C ALA B 58 -13.43 -22.04 44.85
N ASN B 59 -13.36 -21.26 45.91
CA ASN B 59 -13.89 -19.91 45.95
C ASN B 59 -13.19 -19.12 47.04
N TRP B 60 -13.30 -17.78 46.97
CA TRP B 60 -12.78 -16.90 47.99
C TRP B 60 -13.62 -17.05 49.24
N ASN B 61 -13.03 -16.80 50.40
CA ASN B 61 -13.77 -16.86 51.67
C ASN B 61 -13.56 -15.59 52.37
N PHE B 62 -14.62 -15.08 53.01
CA PHE B 62 -14.55 -13.81 53.73
C PHE B 62 -15.07 -14.00 55.14
N ASN B 63 -15.25 -15.28 55.51
CA ASN B 63 -15.68 -15.73 56.84
C ASN B 63 -14.44 -16.00 57.71
N LYS B 64 -13.49 -15.04 57.64
CA LYS B 64 -12.17 -14.98 58.24
C LYS B 64 -12.02 -13.68 58.95
N GLU B 65 -10.82 -13.44 59.51
CA GLU B 65 -10.44 -12.15 60.11
C GLU B 65 -9.96 -11.26 58.99
N LEU B 66 -10.18 -9.95 59.06
CA LEU B 66 -9.78 -9.02 57.99
C LEU B 66 -8.29 -9.17 57.56
N ASP B 67 -7.32 -9.29 58.49
CA ASP B 67 -5.89 -9.39 58.13
C ASP B 67 -5.55 -10.72 57.39
N TRP B 69 -7.77 -11.88 54.90
CA TRP B 69 -8.52 -11.69 53.65
C TRP B 69 -7.71 -11.71 52.39
N GLY B 70 -6.39 -11.59 52.47
CA GLY B 70 -5.50 -11.66 51.30
C GLY B 70 -5.19 -13.06 50.86
N ALA B 71 -5.43 -14.03 51.78
CA ALA B 71 -5.25 -15.47 51.56
C ALA B 71 -6.46 -16.01 50.78
N GLN B 72 -6.32 -16.04 49.46
CA GLN B 72 -7.38 -16.46 48.56
C GLN B 72 -6.84 -17.19 47.35
N PRO B 73 -7.60 -18.18 46.84
CA PRO B 73 -7.19 -18.86 45.61
C PRO B 73 -7.19 -17.88 44.41
N GLY B 74 -6.08 -17.83 43.70
CA GLY B 74 -5.90 -16.96 42.54
C GLY B 74 -5.35 -15.58 42.88
N VAL B 75 -5.05 -15.34 44.18
CA VAL B 75 -4.52 -14.07 44.68
C VAL B 75 -3.14 -14.32 45.31
N SER B 76 -2.13 -13.49 44.96
CA SER B 76 -0.77 -13.62 45.47
C SER B 76 -0.36 -12.33 46.19
N LEU B 77 0.36 -12.47 47.29
CA LEU B 77 0.79 -11.34 48.12
C LEU B 77 2.28 -11.24 48.19
N ASN B 78 2.83 -10.08 48.64
CA ASN B 78 4.27 -9.91 48.80
C ASN B 78 4.61 -10.00 50.31
N SER B 79 5.89 -9.76 50.67
CA SER B 79 6.41 -9.83 52.03
C SER B 79 5.68 -8.85 52.98
N ASN B 80 5.08 -7.78 52.43
CA ASN B 80 4.35 -6.80 53.24
C ASN B 80 2.85 -7.09 53.27
N GLY B 81 2.43 -8.15 52.57
CA GLY B 81 1.04 -8.62 52.52
C GLY B 81 0.14 -8.00 51.47
N ARG B 82 0.71 -7.20 50.56
CA ARG B 82 -0.04 -6.49 49.52
C ARG B 82 -0.25 -7.37 48.34
N VAL B 83 -1.40 -7.22 47.67
CA VAL B 83 -1.78 -8.05 46.52
C VAL B 83 -0.87 -7.71 45.33
N THR B 84 -0.19 -8.74 44.77
CA THR B 84 0.71 -8.58 43.63
C THR B 84 0.17 -9.35 42.41
N GLY B 85 -0.75 -10.27 42.64
CA GLY B 85 -1.38 -11.06 41.58
C GLY B 85 -2.84 -11.37 41.81
N LEU B 86 -3.69 -11.29 40.76
CA LEU B 86 -5.13 -11.54 40.88
C LEU B 86 -5.66 -12.19 39.61
N SER B 87 -6.19 -13.42 39.75
CA SER B 87 -6.73 -14.17 38.61
C SER B 87 -8.15 -14.64 38.88
N LEU B 88 -9.06 -14.29 37.97
CA LEU B 88 -10.46 -14.74 38.08
C LEU B 88 -10.70 -15.97 37.24
N GLU B 89 -9.62 -16.49 36.59
CA GLU B 89 -9.69 -17.65 35.71
C GLU B 89 -10.48 -18.80 36.34
N GLY B 90 -11.47 -19.32 35.59
CA GLY B 90 -12.32 -20.45 35.95
C GLY B 90 -13.37 -20.26 37.02
N PHE B 91 -13.44 -19.07 37.62
CA PHE B 91 -14.40 -18.81 38.71
C PHE B 91 -15.82 -18.60 38.18
N GLY B 92 -15.94 -18.13 36.95
CA GLY B 92 -17.24 -17.87 36.36
C GLY B 92 -17.87 -16.63 36.94
N ALA B 93 -17.04 -15.58 37.12
CA ALA B 93 -17.42 -14.26 37.63
C ALA B 93 -18.50 -13.62 36.75
N SER B 94 -19.44 -12.91 37.37
CA SER B 94 -20.55 -12.27 36.67
C SER B 94 -20.82 -10.91 37.25
N GLY B 95 -20.67 -9.87 36.44
CA GLY B 95 -20.91 -8.50 36.87
C GLY B 95 -19.97 -7.48 36.27
N ARG B 96 -19.76 -6.38 37.00
CA ARG B 96 -18.95 -5.24 36.58
C ARG B 96 -17.73 -5.10 37.49
N VAL B 97 -16.52 -4.98 36.92
CA VAL B 97 -15.27 -4.85 37.70
C VAL B 97 -15.28 -3.43 38.29
N PRO B 98 -15.38 -3.32 39.63
CA PRO B 98 -15.56 -1.99 40.25
C PRO B 98 -14.27 -1.18 40.30
N ASP B 99 -14.42 0.13 40.61
CA ASP B 99 -13.33 1.09 40.69
C ASP B 99 -12.35 0.76 41.80
N ALA B 100 -12.76 -0.16 42.72
CA ALA B 100 -11.98 -0.65 43.85
C ALA B 100 -10.68 -1.33 43.39
N ILE B 101 -10.63 -1.79 42.12
CA ILE B 101 -9.49 -2.48 41.51
C ILE B 101 -8.24 -1.57 41.58
N GLY B 102 -8.43 -0.27 41.34
CA GLY B 102 -7.38 0.74 41.35
C GLY B 102 -6.62 0.94 42.65
N GLN B 103 -7.01 0.21 43.72
CA GLN B 103 -6.38 0.27 45.04
C GLN B 103 -5.14 -0.62 45.12
N LEU B 104 -5.20 -1.79 44.45
CA LEU B 104 -4.16 -2.81 44.47
C LEU B 104 -2.97 -2.41 43.60
N THR B 105 -2.38 -1.24 43.90
CA THR B 105 -1.28 -0.62 43.14
C THR B 105 0.01 -1.49 43.06
N GLU B 106 0.11 -2.56 43.86
CA GLU B 106 1.29 -3.41 43.82
C GLU B 106 1.11 -4.55 42.84
N LEU B 107 -0.06 -4.59 42.18
CA LEU B 107 -0.48 -5.60 41.20
C LEU B 107 0.44 -5.60 39.99
N GLU B 108 1.05 -6.77 39.70
CA GLU B 108 1.93 -7.04 38.56
C GLU B 108 1.19 -7.87 37.52
N VAL B 109 0.39 -8.86 37.96
CA VAL B 109 -0.37 -9.69 37.03
C VAL B 109 -1.86 -9.59 37.35
N LEU B 110 -2.71 -9.58 36.30
CA LEU B 110 -4.16 -9.50 36.41
C LEU B 110 -4.83 -10.28 35.27
N ALA B 111 -5.70 -11.25 35.62
CA ALA B 111 -6.50 -12.04 34.65
C ALA B 111 -7.98 -12.01 35.03
N LEU B 112 -8.80 -11.53 34.07
CA LEU B 112 -10.25 -11.48 34.19
C LEU B 112 -10.83 -12.63 33.40
N GLY B 113 -9.95 -13.42 32.82
CA GLY B 113 -10.24 -14.55 31.95
C GLY B 113 -9.06 -14.80 31.03
N SER B 114 -9.03 -15.92 30.30
CA SER B 114 -7.90 -16.21 29.39
C SER B 114 -8.24 -17.29 28.39
N HIS B 115 -7.32 -17.53 27.42
CA HIS B 115 -7.44 -18.59 26.43
C HIS B 115 -7.31 -19.95 27.14
N GLY B 116 -6.70 -19.95 28.34
CA GLY B 116 -6.54 -21.13 29.17
C GLY B 116 -7.87 -21.78 29.53
N GLU B 117 -8.89 -20.96 29.78
CA GLU B 117 -10.21 -21.39 30.18
C GLU B 117 -10.87 -22.29 29.12
N LYS B 118 -10.56 -22.09 27.83
CA LYS B 118 -11.08 -22.90 26.73
C LYS B 118 -10.41 -24.30 26.67
N VAL B 119 -9.20 -24.44 27.24
CA VAL B 119 -8.42 -25.69 27.25
C VAL B 119 -8.25 -26.24 28.70
N ASN B 120 -9.11 -25.77 29.65
CA ASN B 120 -9.10 -26.17 31.06
C ASN B 120 -7.68 -26.07 31.67
N GLU B 121 -7.05 -24.88 31.56
CA GLU B 121 -5.72 -24.59 32.10
C GLU B 121 -5.69 -23.25 32.77
N ARG B 122 -5.09 -23.14 33.96
CA ARG B 122 -5.02 -21.79 34.49
C ARG B 122 -3.63 -21.28 34.05
N LEU B 123 -3.60 -20.10 33.39
CA LEU B 123 -2.35 -19.55 32.87
C LEU B 123 -1.63 -18.72 33.93
N PHE B 124 -2.38 -18.19 34.89
CA PHE B 124 -1.89 -17.40 36.00
C PHE B 124 -1.84 -18.26 37.25
N GLY B 125 -0.69 -18.27 37.89
CA GLY B 125 -0.42 -19.05 39.08
C GLY B 125 1.06 -19.15 39.34
N PRO B 126 1.49 -19.84 40.43
CA PRO B 126 2.93 -19.93 40.73
C PRO B 126 3.77 -20.65 39.67
N LYS B 127 3.15 -21.55 38.85
CA LYS B 127 3.84 -22.28 37.79
C LYS B 127 3.61 -21.63 36.41
N GLY B 128 2.77 -20.60 36.38
CA GLY B 128 2.43 -19.86 35.18
C GLY B 128 2.79 -18.39 35.30
N ILE B 129 1.86 -17.51 34.88
CA ILE B 129 2.04 -16.08 34.92
C ILE B 129 1.89 -15.67 36.38
N SER B 130 3.01 -15.24 36.96
CA SER B 130 3.10 -14.87 38.36
C SER B 130 3.91 -13.62 38.55
N ALA B 131 3.57 -12.85 39.60
CA ALA B 131 4.30 -11.65 39.95
C ALA B 131 5.73 -12.02 40.36
N ASN B 132 6.70 -11.27 39.82
CA ASN B 132 8.13 -11.43 40.06
C ASN B 132 8.62 -12.87 39.64
N SER B 134 10.66 -15.51 36.80
CA SER B 134 11.90 -15.47 36.02
C SER B 134 11.60 -15.15 34.55
N ASP B 135 12.53 -14.46 33.86
CA ASP B 135 12.41 -14.14 32.42
C ASP B 135 12.17 -15.39 31.59
N GLU B 136 12.71 -16.52 32.07
CA GLU B 136 12.60 -17.85 31.46
C GLU B 136 11.14 -18.32 31.55
N GLN B 137 10.51 -18.14 32.73
CA GLN B 137 9.11 -18.49 33.00
C GLN B 137 8.16 -17.60 32.16
N LYS B 138 8.49 -16.29 32.06
CA LYS B 138 7.76 -15.30 31.29
C LYS B 138 7.70 -15.74 29.83
N GLN B 139 8.87 -16.17 29.27
CA GLN B 139 8.95 -16.64 27.89
C GLN B 139 8.09 -17.87 27.65
N LYS B 140 8.21 -18.88 28.54
CA LYS B 140 7.45 -20.12 28.49
C LYS B 140 5.95 -19.79 28.36
N ARG B 142 4.56 -16.83 27.59
CA ARG B 142 4.33 -16.06 26.37
C ARG B 142 4.06 -17.03 25.19
N HIS B 144 2.74 -20.01 25.41
CA HIS B 144 1.63 -20.92 25.73
C HIS B 144 0.59 -20.97 24.62
N TYR B 145 0.17 -19.80 24.04
CA TYR B 145 -0.85 -19.82 22.99
C TYR B 145 -0.28 -20.52 21.77
N GLN B 146 0.98 -20.23 21.46
CA GLN B 146 1.72 -20.78 20.33
C GLN B 146 1.80 -22.30 20.40
N LYS B 147 2.25 -22.87 21.53
CA LYS B 147 2.36 -24.33 21.67
C LYS B 147 0.99 -25.01 21.63
N THR B 148 -0.07 -24.33 22.10
CA THR B 148 -1.40 -24.91 22.20
C THR B 148 -2.18 -24.89 20.90
N PHE B 149 -2.20 -23.77 20.21
CA PHE B 149 -3.04 -23.61 19.02
C PHE B 149 -2.32 -23.35 17.71
N VAL B 150 -0.98 -23.11 17.71
CA VAL B 150 -0.33 -22.72 16.46
C VAL B 150 0.77 -23.71 16.01
N ASP B 151 1.68 -24.09 16.90
CA ASP B 151 2.78 -25.00 16.58
C ASP B 151 2.31 -26.33 16.06
N TYR B 152 3.01 -26.83 15.01
CA TYR B 152 2.70 -28.07 14.30
CA TYR B 152 2.76 -28.14 14.40
C TYR B 152 3.94 -28.52 13.50
N ASP B 153 4.11 -29.84 13.28
CA ASP B 153 5.23 -30.36 12.49
C ASP B 153 4.75 -30.66 11.06
N PRO B 154 5.18 -29.87 10.05
CA PRO B 154 4.74 -30.14 8.67
C PRO B 154 5.17 -31.55 8.16
N ARG B 155 6.14 -32.23 8.85
CA ARG B 155 6.56 -33.57 8.44
C ARG B 155 5.46 -34.63 8.72
N GLU B 156 4.44 -34.26 9.49
CA GLU B 156 3.28 -35.07 9.84
C GLU B 156 2.59 -35.62 8.58
N ASP B 157 2.60 -34.83 7.50
CA ASP B 157 1.98 -35.16 6.22
C ASP B 157 2.73 -36.23 5.44
N PHE B 158 3.82 -36.75 5.97
CA PHE B 158 4.50 -37.87 5.33
C PHE B 158 3.74 -39.14 5.55
N SER B 159 4.02 -40.14 4.71
CA SER B 159 3.43 -41.44 4.83
C SER B 159 3.96 -42.12 6.09
N ASP B 160 3.18 -43.08 6.60
CA ASP B 160 3.58 -43.88 7.75
C ASP B 160 4.87 -44.55 7.43
N LEU B 161 5.04 -45.03 6.15
CA LEU B 161 6.30 -45.66 5.71
C LEU B 161 7.50 -44.69 5.93
N ILE B 162 7.43 -43.47 5.38
CA ILE B 162 8.48 -42.46 5.48
C ILE B 162 8.66 -42.02 6.95
N LYS B 163 7.55 -41.77 7.70
CA LYS B 163 7.64 -41.39 9.12
C LYS B 163 8.32 -42.51 9.93
N ASP B 164 8.00 -43.79 9.70
CA ASP B 164 8.67 -44.91 10.39
C ASP B 164 10.20 -44.87 10.16
N CYS B 165 10.65 -44.67 8.91
CA CYS B 165 12.07 -44.60 8.55
C CYS B 165 12.77 -43.41 9.25
N ILE B 166 12.08 -42.24 9.32
CA ILE B 166 12.59 -41.04 9.99
C ILE B 166 12.74 -41.34 11.50
N ASN B 167 11.67 -41.91 12.11
CA ASN B 167 11.64 -42.23 13.54
C ASN B 167 12.71 -43.27 13.95
N SER B 168 13.10 -44.18 13.03
CA SER B 168 14.15 -45.22 13.24
C SER B 168 15.55 -44.68 13.04
N ASP B 169 15.68 -43.55 12.32
CA ASP B 169 16.98 -42.95 12.02
C ASP B 169 17.45 -42.11 13.21
N PRO B 170 18.56 -42.54 13.87
CA PRO B 170 19.10 -41.75 15.00
C PRO B 170 19.63 -40.38 14.58
N GLN B 171 20.03 -40.23 13.30
CA GLN B 171 20.55 -38.97 12.76
C GLN B 171 19.40 -37.97 12.40
N GLN B 172 18.13 -38.33 12.68
CA GLN B 172 16.97 -37.47 12.42
C GLN B 172 16.07 -37.30 13.66
N LYS B 173 15.41 -36.12 13.77
CA LYS B 173 14.45 -35.86 14.85
C LYS B 173 13.16 -36.63 14.54
N SER B 174 12.70 -37.45 15.49
CA SER B 174 11.49 -38.24 15.29
C SER B 174 10.26 -37.32 15.18
N ILE B 175 9.23 -37.79 14.50
CA ILE B 175 8.01 -37.03 14.29
C ILE B 175 7.02 -37.45 15.37
N LYS B 176 6.74 -36.48 16.28
CA LYS B 176 5.78 -36.64 17.36
C LYS B 176 4.34 -36.54 16.86
N LYS B 177 3.42 -37.22 17.55
CA LYS B 177 2.00 -37.16 17.29
C LYS B 177 1.53 -35.72 17.52
N SER B 178 0.60 -35.27 16.68
CA SER B 178 0.04 -33.93 16.72
C SER B 178 -0.63 -33.68 18.08
N SER B 179 -0.35 -32.52 18.65
CA SER B 179 -0.86 -32.05 19.94
C SER B 179 -1.64 -30.72 19.80
N ARG B 180 -1.54 -30.05 18.62
CA ARG B 180 -2.17 -28.76 18.37
C ARG B 180 -3.69 -28.89 18.43
N ILE B 181 -4.32 -27.97 19.19
CA ILE B 181 -5.77 -27.89 19.36
C ILE B 181 -6.34 -26.98 18.28
N THR B 182 -7.46 -27.42 17.71
CA THR B 182 -8.25 -26.62 16.77
C THR B 182 -9.57 -26.36 17.47
N LEU B 183 -9.94 -25.09 17.56
CA LEU B 183 -11.21 -24.75 18.19
C LEU B 183 -12.38 -25.19 17.34
N LYS B 184 -13.38 -25.73 18.02
CA LYS B 184 -14.66 -26.09 17.44
C LYS B 184 -15.49 -24.80 17.45
N ASP B 185 -16.26 -24.49 16.38
CA ASP B 185 -17.04 -23.25 16.31
C ASP B 185 -18.05 -23.10 17.48
N THR B 186 -18.23 -24.18 18.25
CA THR B 186 -19.03 -24.23 19.48
C THR B 186 -18.31 -23.41 20.57
N GLN B 187 -16.96 -23.50 20.60
CA GLN B 187 -16.12 -22.79 21.57
C GLN B 187 -15.96 -21.32 21.19
N ILE B 188 -16.03 -20.97 19.88
CA ILE B 188 -15.90 -19.56 19.46
C ILE B 188 -17.15 -18.81 19.88
N GLY B 189 -16.97 -17.89 20.81
CA GLY B 189 -18.04 -17.09 21.37
C GLY B 189 -18.65 -17.68 22.64
N GLN B 190 -18.10 -18.83 23.07
CA GLN B 190 -18.51 -19.57 24.27
C GLN B 190 -17.89 -18.86 25.46
N LEU B 191 -18.76 -18.29 26.30
CA LEU B 191 -18.36 -17.50 27.44
C LEU B 191 -17.89 -18.36 28.61
N SER B 192 -16.87 -17.86 29.36
CA SER B 192 -16.31 -18.50 30.57
C SER B 192 -16.72 -17.69 31.83
N ASN B 193 -17.31 -16.52 31.58
CA ASN B 193 -17.75 -15.56 32.60
C ASN B 193 -18.77 -14.60 32.01
N ASN B 194 -19.38 -13.77 32.87
CA ASN B 194 -20.32 -12.75 32.47
C ASN B 194 -19.85 -11.35 32.94
N ILE B 195 -18.55 -11.04 32.69
CA ILE B 195 -17.98 -9.71 33.00
C ILE B 195 -18.52 -8.75 31.93
N THR B 196 -19.34 -7.78 32.32
CA THR B 196 -19.99 -6.87 31.36
C THR B 196 -19.35 -5.48 31.34
N PHE B 197 -18.43 -5.20 32.28
CA PHE B 197 -17.78 -3.90 32.40
C PHE B 197 -16.44 -4.05 33.13
N VAL B 198 -15.44 -3.24 32.74
CA VAL B 198 -14.13 -3.17 33.38
C VAL B 198 -13.85 -1.69 33.62
N SER B 199 -13.62 -1.34 34.88
CA SER B 199 -13.34 0.02 35.36
C SER B 199 -12.07 0.64 34.75
N LYS B 200 -12.16 1.95 34.53
CA LYS B 200 -11.12 2.89 34.10
C LYS B 200 -9.89 2.80 35.03
N ALA B 201 -10.15 2.49 36.33
CA ALA B 201 -9.23 2.43 37.47
C ALA B 201 -7.95 1.60 37.20
N VAL B 202 -7.94 0.70 36.21
CA VAL B 202 -6.79 -0.15 35.86
C VAL B 202 -5.53 0.75 35.57
N ARG B 204 -4.46 3.10 37.27
CA ARG B 204 -3.79 3.39 38.53
C ARG B 204 -2.73 2.34 38.83
N LEU B 205 -2.90 1.11 38.30
CA LEU B 205 -1.98 -0.02 38.53
C LEU B 205 -0.74 0.13 37.65
N THR B 206 0.10 1.12 37.98
CA THR B 206 1.29 1.49 37.22
C THR B 206 2.38 0.40 37.27
N LYS B 207 2.21 -0.65 38.11
CA LYS B 207 3.19 -1.73 38.21
C LYS B 207 2.75 -2.99 37.41
N LEU B 208 1.54 -2.94 36.80
CA LEU B 208 0.94 -4.02 36.02
C LEU B 208 1.85 -4.43 34.87
N ARG B 209 2.12 -5.75 34.73
CA ARG B 209 3.02 -6.32 33.71
C ARG B 209 2.25 -7.20 32.74
N GLN B 210 1.20 -7.88 33.23
CA GLN B 210 0.34 -8.73 32.40
C GLN B 210 -1.14 -8.45 32.66
N PHE B 211 -1.92 -8.15 31.60
CA PHE B 211 -3.34 -7.91 31.71
C PHE B 211 -4.08 -8.79 30.69
N TYR B 212 -4.77 -9.83 31.19
CA TYR B 212 -5.50 -10.81 30.37
C TYR B 212 -6.99 -10.78 30.63
N GLY B 214 -10.84 -12.59 28.75
CA GLY B 214 -11.32 -13.48 27.72
C GLY B 214 -12.62 -14.17 28.01
N ASN B 215 -13.31 -14.54 26.92
CA ASN B 215 -14.55 -15.29 26.93
C ASN B 215 -15.62 -14.51 27.72
N SER B 216 -15.57 -13.17 27.59
CA SER B 216 -16.43 -12.20 28.25
C SER B 216 -17.43 -11.60 27.28
N PRO B 217 -18.66 -11.26 27.76
CA PRO B 217 -19.68 -10.70 26.86
C PRO B 217 -19.68 -9.17 26.74
N PHE B 218 -18.69 -8.49 27.34
CA PHE B 218 -18.66 -7.03 27.32
C PHE B 218 -18.42 -6.47 25.92
N VAL B 219 -18.78 -5.20 25.74
CA VAL B 219 -18.60 -4.42 24.51
C VAL B 219 -17.34 -3.58 24.67
N ALA B 220 -16.68 -3.25 23.55
CA ALA B 220 -15.40 -2.53 23.48
C ALA B 220 -15.35 -1.26 24.33
N GLU B 221 -16.42 -0.44 24.30
CA GLU B 221 -16.52 0.85 25.01
C GLU B 221 -16.63 0.68 26.55
N ASN B 222 -16.86 -0.56 27.04
CA ASN B 222 -16.99 -0.80 28.47
C ASN B 222 -15.72 -1.47 29.05
N ILE B 223 -14.62 -1.47 28.27
CA ILE B 223 -13.34 -1.99 28.70
C ILE B 223 -12.43 -0.80 29.03
N CYS B 224 -12.43 -0.39 30.31
CA CYS B 224 -11.56 0.62 30.94
C CYS B 224 -11.66 2.02 30.27
N GLU B 225 -12.90 2.44 29.91
CA GLU B 225 -13.15 3.77 29.37
C GLU B 225 -13.68 4.72 30.46
N ALA B 226 -14.54 4.18 31.35
CA ALA B 226 -15.24 4.95 32.37
C ALA B 226 -15.18 4.31 33.75
N TRP B 227 -15.60 5.08 34.76
CA TRP B 227 -15.71 4.58 36.12
C TRP B 227 -16.87 3.59 36.16
N GLU B 228 -16.72 2.54 36.97
CA GLU B 228 -17.79 1.55 37.12
C GLU B 228 -18.96 2.26 37.78
N ASN B 229 -18.64 3.08 38.78
CA ASN B 229 -19.56 3.93 39.52
C ASN B 229 -18.79 5.19 39.93
N GLU B 230 -19.05 6.31 39.23
CA GLU B 230 -18.37 7.58 39.47
C GLU B 230 -18.63 8.14 40.90
N ASN B 231 -19.62 7.61 41.64
CA ASN B 231 -19.96 8.08 43.00
C ASN B 231 -19.35 7.18 44.11
N SER B 232 -18.45 6.26 43.75
CA SER B 232 -17.75 5.39 44.71
C SER B 232 -16.62 6.16 45.39
N GLU B 233 -16.21 5.70 46.59
CA GLU B 233 -15.11 6.29 47.36
C GLU B 233 -13.83 6.33 46.53
N TYR B 234 -13.61 5.25 45.78
CA TYR B 234 -12.50 4.98 44.89
C TYR B 234 -12.47 5.97 43.71
N ALA B 235 -13.57 6.04 42.92
CA ALA B 235 -13.71 6.92 41.76
C ALA B 235 -13.52 8.37 42.16
N GLN B 236 -14.20 8.81 43.26
CA GLN B 236 -14.14 10.16 43.78
C GLN B 236 -12.69 10.55 44.12
N GLN B 237 -11.89 9.62 44.66
CA GLN B 237 -10.49 9.90 44.99
C GLN B 237 -9.61 9.92 43.74
N TYR B 238 -9.78 8.91 42.82
CA TYR B 238 -8.96 8.75 41.60
C TYR B 238 -9.31 9.84 40.55
N LYS B 239 -10.48 10.50 40.69
CA LYS B 239 -10.92 11.64 39.88
C LYS B 239 -9.99 12.86 40.07
N THR B 240 -9.30 12.88 41.24
CA THR B 240 -8.37 13.93 41.68
C THR B 240 -6.90 13.42 41.57
N GLU B 241 -6.66 12.39 40.73
CA GLU B 241 -5.33 11.81 40.55
C GLU B 241 -4.86 11.87 39.10
N ASP B 242 -3.56 12.14 38.94
CA ASP B 242 -2.85 12.24 37.66
C ASP B 242 -2.71 10.83 37.05
N LEU B 243 -3.82 10.27 36.51
CA LEU B 243 -3.86 8.92 35.95
C LEU B 243 -3.97 8.96 34.41
N LYS B 244 -3.09 8.16 33.74
CA LYS B 244 -2.97 8.05 32.28
C LYS B 244 -2.38 6.71 31.90
N TRP B 245 -2.76 6.18 30.72
CA TRP B 245 -2.27 4.89 30.22
C TRP B 245 -0.76 4.90 29.99
N ASP B 246 -0.20 6.10 29.76
CA ASP B 246 1.23 6.29 29.53
C ASP B 246 2.07 5.88 30.76
N ASN B 247 1.47 5.90 31.97
CA ASN B 247 2.16 5.57 33.23
C ASN B 247 2.31 4.05 33.43
N LEU B 248 1.60 3.21 32.67
CA LEU B 248 1.72 1.74 32.73
C LEU B 248 2.89 1.30 31.84
N LYS B 249 4.09 1.67 32.30
CA LYS B 249 5.38 1.47 31.65
C LYS B 249 5.84 0.01 31.67
N ASP B 250 5.30 -0.83 32.58
CA ASP B 250 5.70 -2.22 32.73
C ASP B 250 4.72 -3.21 32.07
N LEU B 251 3.56 -2.72 31.56
CA LEU B 251 2.53 -3.57 30.95
C LEU B 251 2.99 -3.96 29.53
N THR B 252 3.52 -5.19 29.42
CA THR B 252 4.10 -5.78 28.20
C THR B 252 3.24 -6.87 27.58
N ASP B 253 2.41 -7.55 28.39
CA ASP B 253 1.58 -8.66 27.88
C ASP B 253 0.10 -8.39 28.11
N VAL B 254 -0.65 -8.19 27.02
CA VAL B 254 -2.10 -7.92 27.09
C VAL B 254 -2.84 -8.92 26.18
N GLU B 255 -3.97 -9.46 26.71
CA GLU B 255 -4.82 -10.40 25.98
C GLU B 255 -6.30 -10.02 26.12
N VAL B 256 -6.99 -9.91 24.97
CA VAL B 256 -8.43 -9.67 24.83
C VAL B 256 -8.88 -10.77 23.87
N TYR B 257 -9.17 -11.96 24.42
CA TYR B 257 -9.43 -13.15 23.63
C TYR B 257 -10.87 -13.61 23.71
N ASN B 258 -11.41 -14.02 22.55
CA ASN B 258 -12.74 -14.58 22.39
C ASN B 258 -13.80 -13.79 23.17
N CYS B 259 -13.99 -12.53 22.79
CA CYS B 259 -15.05 -11.69 23.39
C CYS B 259 -16.05 -11.40 22.25
N PRO B 260 -17.08 -12.28 22.12
CA PRO B 260 -17.97 -12.26 20.97
C PRO B 260 -18.76 -10.97 20.74
N ASN B 261 -18.94 -10.12 21.78
CA ASN B 261 -19.73 -8.91 21.58
C ASN B 261 -18.82 -7.69 21.24
N LEU B 262 -17.52 -7.93 21.00
CA LEU B 262 -16.64 -6.88 20.54
C LEU B 262 -16.94 -6.61 19.06
N THR B 263 -17.06 -5.31 18.67
CA THR B 263 -17.29 -4.93 17.27
C THR B 263 -16.07 -4.17 16.79
N LYS B 264 -15.16 -3.86 17.75
CA LYS B 264 -13.87 -3.19 17.57
C LYS B 264 -12.97 -3.54 18.75
N LEU B 265 -11.66 -3.30 18.62
CA LEU B 265 -10.74 -3.56 19.73
C LEU B 265 -10.85 -2.43 20.75
N PRO B 266 -10.73 -2.71 22.07
CA PRO B 266 -10.77 -1.62 23.06
C PRO B 266 -9.65 -0.62 22.78
N THR B 267 -9.96 0.65 22.94
CA THR B 267 -9.11 1.78 22.55
C THR B 267 -7.90 2.01 23.47
N PHE B 268 -7.87 1.36 24.65
CA PHE B 268 -6.78 1.57 25.60
C PHE B 268 -5.47 0.94 25.09
N LEU B 269 -5.58 -0.08 24.20
CA LEU B 269 -4.43 -0.82 23.67
C LEU B 269 -3.47 0.11 22.95
N LYS B 270 -3.97 0.97 22.02
CA LYS B 270 -3.10 1.92 21.28
C LYS B 270 -2.53 3.02 22.20
N ALA B 271 -3.15 3.23 23.37
CA ALA B 271 -2.72 4.23 24.34
C ALA B 271 -1.56 3.72 25.23
N LEU B 272 -1.20 2.42 25.16
CA LEU B 272 -0.15 1.84 26.00
C LEU B 272 1.26 2.19 25.46
N PRO B 273 2.25 2.43 26.37
CA PRO B 273 3.58 2.81 25.87
C PRO B 273 4.55 1.66 25.61
N GLU B 274 4.42 0.51 26.31
CA GLU B 274 5.42 -0.55 26.21
C GLU B 274 4.86 -1.96 25.96
N GLN B 276 4.23 -5.46 24.38
CA GLN B 276 5.08 -6.31 23.54
C GLN B 276 4.26 -7.46 22.96
N LEU B 277 3.48 -8.17 23.79
CA LEU B 277 2.62 -9.26 23.35
C LEU B 277 1.15 -8.77 23.31
N ILE B 278 0.44 -9.10 22.21
CA ILE B 278 -0.96 -8.75 22.08
C ILE B 278 -1.70 -9.97 21.52
N ASN B 279 -2.63 -10.52 22.29
CA ASN B 279 -3.45 -11.63 21.86
C ASN B 279 -4.88 -11.12 21.69
N VAL B 280 -5.32 -11.01 20.44
CA VAL B 280 -6.67 -10.51 20.11
C VAL B 280 -7.37 -11.56 19.23
N ALA B 281 -7.08 -12.83 19.49
CA ALA B 281 -7.66 -13.94 18.75
C ALA B 281 -9.13 -14.19 19.14
N CYS B 282 -9.93 -14.81 18.22
CA CYS B 282 -11.33 -15.22 18.35
C CYS B 282 -12.30 -14.07 18.49
N ASN B 283 -11.96 -12.86 18.05
CA ASN B 283 -12.92 -11.76 18.14
C ASN B 283 -13.63 -11.60 16.79
N ARG B 284 -14.49 -12.59 16.48
CA ARG B 284 -15.25 -12.81 15.25
C ARG B 284 -16.46 -11.90 15.14
N GLY B 285 -16.71 -11.09 16.16
CA GLY B 285 -17.77 -10.10 16.13
C GLY B 285 -17.28 -8.85 15.42
N ILE B 286 -15.93 -8.69 15.35
CA ILE B 286 -15.24 -7.56 14.72
C ILE B 286 -15.09 -7.85 13.22
N SER B 287 -15.59 -6.91 12.37
CA SER B 287 -15.45 -7.03 10.92
C SER B 287 -13.98 -7.05 10.50
N GLY B 288 -13.70 -7.64 9.36
CA GLY B 288 -12.35 -7.71 8.83
C GLY B 288 -11.71 -6.34 8.65
N GLU B 289 -12.52 -5.38 8.19
CA GLU B 289 -12.14 -3.98 7.94
C GLU B 289 -11.82 -3.28 9.24
N GLN B 290 -12.68 -3.45 10.28
CA GLN B 290 -12.52 -2.84 11.60
C GLN B 290 -11.26 -3.34 12.32
N LEU B 291 -10.99 -4.65 12.23
CA LEU B 291 -9.82 -5.23 12.87
C LEU B 291 -8.54 -4.77 12.14
N LYS B 292 -8.59 -4.65 10.79
CA LYS B 292 -7.48 -4.14 9.96
C LYS B 292 -7.14 -2.73 10.42
N ASP B 293 -8.19 -1.90 10.63
CA ASP B 293 -8.11 -0.51 11.08
C ASP B 293 -7.56 -0.41 12.51
N ASP B 294 -7.99 -1.30 13.44
CA ASP B 294 -7.51 -1.31 14.82
C ASP B 294 -6.02 -1.72 14.86
N TRP B 295 -5.63 -2.73 14.04
CA TRP B 295 -4.24 -3.18 13.90
C TRP B 295 -3.41 -2.00 13.34
N GLN B 296 -3.93 -1.31 12.26
CA GLN B 296 -3.25 -0.17 11.63
C GLN B 296 -2.99 0.92 12.65
N ALA B 297 -4.00 1.21 13.48
CA ALA B 297 -3.96 2.20 14.54
C ALA B 297 -2.85 1.89 15.54
N LEU B 298 -2.69 0.59 15.88
CA LEU B 298 -1.65 0.11 16.80
C LEU B 298 -0.26 0.37 16.20
N ALA B 299 -0.06 0.04 14.92
CA ALA B 299 1.19 0.26 14.19
C ALA B 299 1.55 1.77 14.10
N ASP B 300 0.52 2.62 13.90
CA ASP B 300 0.68 4.06 13.77
C ASP B 300 0.92 4.75 15.13
N ALA B 301 0.49 4.11 16.23
CA ALA B 301 0.70 4.65 17.58
C ALA B 301 2.15 4.37 18.06
N PRO B 302 2.68 5.07 19.10
CA PRO B 302 4.07 4.79 19.55
C PRO B 302 4.31 3.33 19.97
N VAL B 303 3.24 2.60 20.39
CA VAL B 303 3.28 1.19 20.82
C VAL B 303 3.63 0.26 19.62
N GLY B 304 3.34 0.71 18.38
CA GLY B 304 3.62 -0.04 17.16
C GLY B 304 5.06 -0.46 17.06
N GLU B 305 5.94 0.47 17.43
CA GLU B 305 7.39 0.29 17.49
C GLU B 305 7.82 -0.70 18.58
N LYS B 306 6.93 -1.03 19.55
CA LYS B 306 7.29 -1.86 20.69
C LYS B 306 6.78 -3.30 20.60
N ILE B 307 5.64 -3.55 19.93
CA ILE B 307 4.98 -4.86 19.81
C ILE B 307 5.95 -5.88 19.18
N GLN B 308 6.03 -7.06 19.78
CA GLN B 308 6.94 -8.14 19.38
C GLN B 308 6.18 -9.41 18.97
N ILE B 309 4.99 -9.67 19.57
CA ILE B 309 4.16 -10.86 19.33
C ILE B 309 2.71 -10.46 19.05
N ILE B 310 2.12 -10.99 17.95
CA ILE B 310 0.73 -10.76 17.59
C ILE B 310 0.02 -12.11 17.40
N TYR B 311 -1.01 -12.36 18.22
CA TYR B 311 -1.87 -13.52 18.06
C TYR B 311 -3.18 -12.98 17.53
N ILE B 312 -3.47 -13.13 16.22
CA ILE B 312 -4.68 -12.53 15.66
C ILE B 312 -5.48 -13.59 14.81
N GLY B 313 -5.26 -14.87 15.11
CA GLY B 313 -5.98 -15.96 14.47
C GLY B 313 -7.45 -16.02 14.87
N TYR B 314 -8.25 -16.84 14.14
CA TYR B 314 -9.69 -17.00 14.35
C TYR B 314 -10.41 -15.62 14.28
N ASN B 315 -10.14 -14.86 13.21
CA ASN B 315 -10.75 -13.56 13.04
C ASN B 315 -11.29 -13.43 11.60
N ASN B 316 -11.72 -12.23 11.21
CA ASN B 316 -12.32 -12.02 9.89
C ASN B 316 -11.47 -11.18 8.93
N LEU B 317 -10.16 -10.96 9.22
CA LEU B 317 -9.24 -10.15 8.39
C LEU B 317 -9.27 -10.55 6.92
N LYS B 318 -9.51 -9.59 6.01
CA LYS B 318 -9.45 -9.87 4.57
C LYS B 318 -8.07 -9.48 4.02
N THR B 319 -7.36 -8.60 4.77
CA THR B 319 -6.01 -8.12 4.44
C THR B 319 -5.39 -7.51 5.69
N PHE B 320 -4.10 -7.18 5.62
CA PHE B 320 -3.31 -6.50 6.65
C PHE B 320 -3.39 -5.01 6.48
N PRO B 321 -2.99 -4.21 7.50
CA PRO B 321 -2.86 -2.75 7.29
C PRO B 321 -1.85 -2.40 6.18
N VAL B 322 -1.89 -1.15 5.68
CA VAL B 322 -1.01 -0.60 4.63
C VAL B 322 0.49 -0.83 4.97
N GLU B 323 1.32 -1.12 3.93
CA GLU B 323 2.76 -1.38 4.05
C GLU B 323 3.47 -0.32 4.90
N THR B 324 3.18 0.99 4.70
CA THR B 324 3.79 2.13 5.41
C THR B 324 3.52 2.07 6.95
N SER B 325 2.40 1.46 7.35
CA SER B 325 2.06 1.31 8.77
C SER B 325 2.77 0.09 9.33
N LEU B 326 2.79 -1.03 8.56
CA LEU B 326 3.45 -2.28 8.92
C LEU B 326 4.96 -2.06 9.14
N GLN B 327 5.62 -1.27 8.27
CA GLN B 327 7.05 -0.91 8.31
C GLN B 327 7.50 -0.34 9.66
N LYS B 328 6.58 0.31 10.38
CA LYS B 328 6.82 0.95 11.68
C LYS B 328 7.05 -0.08 12.79
N LYS B 330 8.97 -2.34 13.78
CA LYS B 330 10.36 -2.79 13.71
C LYS B 330 10.66 -3.91 14.69
N LYS B 331 10.06 -3.90 15.90
CA LYS B 331 10.33 -4.93 16.89
C LYS B 331 9.49 -6.22 16.70
N LEU B 332 8.59 -6.31 15.69
CA LEU B 332 7.74 -7.50 15.52
C LEU B 332 8.58 -8.76 15.16
N GLY B 333 8.30 -9.86 15.87
CA GLY B 333 8.97 -11.13 15.69
C GLY B 333 8.08 -12.36 15.53
N LEU B 335 4.03 -13.58 14.29
CA LEU B 335 2.71 -13.29 13.72
C LEU B 335 2.00 -14.57 13.36
N GLU B 336 0.75 -14.72 13.82
CA GLU B 336 -0.09 -15.84 13.46
C GLU B 336 -1.48 -15.28 13.09
N CYS B 337 -2.01 -15.72 11.91
CA CYS B 337 -3.31 -15.30 11.37
C CYS B 337 -4.12 -16.52 10.95
N LEU B 338 -3.97 -17.64 11.69
CA LEU B 338 -4.72 -18.86 11.42
C LEU B 338 -6.22 -18.59 11.36
N TYR B 339 -6.90 -19.18 10.38
CA TYR B 339 -8.35 -19.11 10.19
C TYR B 339 -8.86 -17.68 10.21
N ASN B 340 -8.47 -16.95 9.18
CA ASN B 340 -8.96 -15.60 8.90
C ASN B 340 -9.58 -15.67 7.49
N GLN B 341 -9.74 -14.56 6.81
CA GLN B 341 -10.30 -14.52 5.46
C GLN B 341 -9.35 -13.80 4.53
N LEU B 342 -8.03 -13.87 4.86
CA LEU B 342 -6.97 -13.17 4.12
C LEU B 342 -6.99 -13.57 2.66
N GLU B 343 -7.15 -12.58 1.76
CA GLU B 343 -7.24 -12.82 0.32
C GLU B 343 -6.22 -11.97 -0.46
N GLY B 344 -5.93 -12.43 -1.68
CA GLY B 344 -5.04 -11.76 -2.62
C GLY B 344 -3.59 -11.66 -2.18
N LYS B 345 -2.91 -10.62 -2.68
CA LYS B 345 -1.52 -10.32 -2.38
C LYS B 345 -1.49 -9.65 -1.01
N LEU B 346 -0.57 -10.09 -0.15
CA LEU B 346 -0.50 -9.51 1.19
C LEU B 346 0.34 -8.25 1.24
N PRO B 347 -0.04 -7.23 2.04
CA PRO B 347 0.87 -6.08 2.22
C PRO B 347 2.17 -6.56 2.92
N ALA B 348 3.31 -5.92 2.63
CA ALA B 348 4.61 -6.35 3.17
C ALA B 348 5.10 -5.49 4.33
N PHE B 349 5.83 -6.12 5.27
CA PHE B 349 6.46 -5.44 6.42
C PHE B 349 7.83 -4.84 6.03
N GLY B 350 8.49 -5.49 5.08
CA GLY B 350 9.85 -5.15 4.68
C GLY B 350 10.76 -6.23 5.24
N SER B 351 11.93 -6.39 4.64
CA SER B 351 12.95 -7.36 5.00
C SER B 351 13.62 -7.02 6.35
N GLU B 352 13.53 -5.76 6.80
CA GLU B 352 14.14 -5.32 8.06
C GLU B 352 13.42 -5.88 9.29
N ILE B 353 12.14 -6.25 9.13
CA ILE B 353 11.35 -6.84 10.20
C ILE B 353 11.59 -8.36 10.11
N LYS B 354 12.44 -8.86 11.02
CA LYS B 354 12.89 -10.24 11.10
C LYS B 354 11.94 -11.08 12.01
N LEU B 355 11.24 -12.08 11.43
CA LEU B 355 10.31 -12.91 12.19
C LEU B 355 10.91 -14.25 12.61
N ALA B 356 10.55 -14.72 13.82
CA ALA B 356 10.95 -16.02 14.39
C ALA B 356 9.86 -17.07 14.16
N SER B 357 8.60 -16.61 14.14
CA SER B 357 7.38 -17.37 13.90
C SER B 357 6.54 -16.69 12.84
N LEU B 358 5.93 -17.49 11.95
CA LEU B 358 5.01 -17.00 10.92
C LEU B 358 4.09 -18.11 10.49
N ASN B 359 2.83 -18.00 10.89
CA ASN B 359 1.81 -18.99 10.52
CA ASN B 359 1.81 -18.99 10.55
C ASN B 359 0.61 -18.24 9.94
N LEU B 360 0.43 -18.40 8.61
CA LEU B 360 -0.64 -17.75 7.82
C LEU B 360 -1.61 -18.80 7.27
N ALA B 361 -1.60 -20.00 7.87
CA ALA B 361 -2.40 -21.11 7.39
C ALA B 361 -3.88 -20.84 7.51
N TYR B 362 -4.65 -21.48 6.61
CA TYR B 362 -6.11 -21.45 6.55
C TYR B 362 -6.64 -20.05 6.24
N ASN B 363 -6.33 -19.60 5.04
CA ASN B 363 -6.77 -18.33 4.46
C ASN B 363 -6.95 -18.53 2.95
N GLN B 364 -6.96 -17.44 2.19
CA GLN B 364 -7.14 -17.48 0.73
C GLN B 364 -6.12 -16.55 0.07
N ILE B 365 -4.91 -16.50 0.65
CA ILE B 365 -3.78 -15.70 0.20
C ILE B 365 -3.32 -16.25 -1.14
N THR B 366 -3.14 -15.37 -2.16
CA THR B 366 -2.71 -15.77 -3.50
C THR B 366 -1.25 -15.44 -3.76
N GLU B 367 -0.71 -14.47 -3.03
CA GLU B 367 0.67 -14.04 -3.25
C GLU B 367 1.33 -13.52 -1.98
N ILE B 368 2.58 -13.93 -1.76
CA ILE B 368 3.44 -13.45 -0.68
C ILE B 368 4.46 -12.53 -1.37
N PRO B 369 4.48 -11.22 -1.03
CA PRO B 369 5.38 -10.28 -1.72
C PRO B 369 6.85 -10.57 -1.45
N ALA B 370 7.70 -10.09 -2.36
CA ALA B 370 9.17 -10.22 -2.34
C ALA B 370 9.78 -9.69 -1.03
N ASN B 371 9.20 -8.63 -0.48
CA ASN B 371 9.68 -7.95 0.70
C ASN B 371 8.80 -8.24 1.92
N PHE B 372 8.09 -9.38 1.93
CA PHE B 372 7.12 -9.66 2.99
C PHE B 372 7.73 -9.43 4.37
N CYS B 373 8.88 -10.05 4.65
CA CYS B 373 9.56 -9.95 5.92
C CYS B 373 10.91 -10.61 5.82
N GLY B 374 11.70 -10.39 6.85
CA GLY B 374 12.97 -11.07 7.06
C GLY B 374 12.69 -12.17 8.06
N PHE B 375 13.74 -12.87 8.48
CA PHE B 375 13.67 -13.95 9.46
C PHE B 375 14.90 -13.96 10.35
N THR B 376 14.71 -14.42 11.59
CA THR B 376 15.78 -14.50 12.60
C THR B 376 16.48 -15.84 12.45
N GLU B 377 17.54 -16.09 13.25
CA GLU B 377 18.24 -17.36 13.22
C GLU B 377 17.51 -18.41 14.09
N GLN B 378 16.38 -18.01 14.73
CA GLN B 378 15.63 -18.84 15.68
C GLN B 378 14.40 -19.56 15.07
N VAL B 379 14.10 -19.33 13.78
CA VAL B 379 12.97 -19.94 13.07
C VAL B 379 13.07 -21.47 13.10
N GLU B 380 12.06 -22.17 13.65
CA GLU B 380 12.03 -23.62 13.60
C GLU B 380 11.14 -24.02 12.42
N ASN B 381 9.81 -23.76 12.55
CA ASN B 381 8.81 -24.09 11.53
C ASN B 381 7.97 -22.87 11.13
N LEU B 382 7.65 -22.79 9.82
CA LEU B 382 6.77 -21.78 9.20
C LEU B 382 5.65 -22.43 8.45
N SER B 383 4.50 -21.75 8.32
CA SER B 383 3.36 -22.30 7.60
C SER B 383 2.60 -21.26 6.77
N PHE B 384 2.40 -21.65 5.51
CA PHE B 384 1.64 -20.94 4.49
C PHE B 384 0.58 -21.88 3.95
N ALA B 385 0.34 -22.99 4.68
CA ALA B 385 -0.59 -24.04 4.30
C ALA B 385 -2.04 -23.57 4.20
N HIS B 386 -2.83 -24.20 3.32
CA HIS B 386 -4.25 -23.95 3.11
C HIS B 386 -4.50 -22.52 2.73
N ASN B 387 -4.03 -22.16 1.53
CA ASN B 387 -4.21 -20.87 0.89
C ASN B 387 -4.36 -21.11 -0.60
N LYS B 388 -4.19 -20.06 -1.40
CA LYS B 388 -4.32 -20.13 -2.85
C LYS B 388 -3.03 -19.64 -3.52
N LEU B 389 -1.84 -19.96 -2.94
CA LEU B 389 -0.54 -19.50 -3.46
C LEU B 389 -0.23 -20.09 -4.82
N LYS B 390 0.15 -19.25 -5.81
CA LYS B 390 0.45 -19.78 -7.14
C LYS B 390 1.92 -20.20 -7.22
N TYR B 391 2.78 -19.58 -6.39
CA TYR B 391 4.22 -19.83 -6.45
C TYR B 391 4.86 -19.90 -5.08
N ILE B 392 6.10 -20.49 -5.00
CA ILE B 392 6.87 -20.52 -3.76
C ILE B 392 7.53 -19.12 -3.62
N PRO B 393 7.26 -18.37 -2.52
CA PRO B 393 7.78 -16.99 -2.43
C PRO B 393 9.30 -16.90 -2.21
N ASN B 394 9.98 -16.10 -3.04
CA ASN B 394 11.43 -15.91 -2.97
C ASN B 394 11.79 -14.92 -1.81
N ILE B 395 11.55 -15.35 -0.56
CA ILE B 395 11.79 -14.55 0.65
C ILE B 395 12.77 -15.27 1.60
N PHE B 396 13.52 -16.24 1.06
CA PHE B 396 14.48 -17.04 1.85
C PHE B 396 15.82 -17.05 1.17
N ASP B 397 16.83 -17.69 1.81
CA ASP B 397 18.16 -17.81 1.23
C ASP B 397 18.76 -19.16 1.61
N ALA B 398 19.06 -19.98 0.61
CA ALA B 398 19.70 -21.27 0.81
C ALA B 398 21.09 -21.07 1.44
N LYS B 399 21.73 -19.91 1.12
CA LYS B 399 23.06 -19.53 1.59
C LYS B 399 23.07 -19.14 3.09
N SER B 400 21.90 -18.94 3.73
CA SER B 400 21.87 -18.60 5.16
C SER B 400 22.45 -19.74 6.02
N VAL B 401 23.22 -19.39 7.06
CA VAL B 401 23.89 -20.34 7.97
C VAL B 401 22.86 -21.04 8.87
N SER B 402 21.84 -20.32 9.35
CA SER B 402 20.78 -20.88 10.19
C SER B 402 19.80 -21.65 9.31
N VAL B 403 19.61 -22.94 9.59
CA VAL B 403 18.73 -23.80 8.80
C VAL B 403 17.48 -24.07 9.59
N SER B 405 13.80 -25.92 10.45
CA SER B 405 13.41 -27.32 10.55
C SER B 405 12.54 -27.73 9.34
N ALA B 406 11.37 -27.10 9.15
CA ALA B 406 10.42 -27.42 8.08
C ALA B 406 9.54 -26.23 7.68
N ILE B 407 9.14 -26.16 6.41
CA ILE B 407 8.27 -25.10 5.91
C ILE B 407 7.06 -25.77 5.25
N ASP B 408 5.85 -25.30 5.59
CA ASP B 408 4.63 -25.92 5.07
C ASP B 408 3.99 -25.04 4.01
N PHE B 409 3.99 -25.54 2.77
CA PHE B 409 3.34 -24.89 1.63
C PHE B 409 2.19 -25.78 1.10
N SER B 410 1.80 -26.83 1.87
CA SER B 410 0.75 -27.77 1.46
C SER B 410 -0.64 -27.07 1.32
N TYR B 411 -1.47 -27.66 0.45
CA TYR B 411 -2.82 -27.19 0.15
C TYR B 411 -2.79 -25.79 -0.36
N ASN B 412 -2.15 -25.62 -1.51
CA ASN B 412 -2.03 -24.36 -2.23
C ASN B 412 -2.31 -24.67 -3.70
N GLU B 413 -1.95 -23.72 -4.59
CA GLU B 413 -2.15 -23.87 -6.03
C GLU B 413 -0.81 -23.66 -6.75
N ILE B 414 0.30 -24.14 -6.12
CA ILE B 414 1.66 -23.99 -6.65
C ILE B 414 1.78 -24.87 -7.90
N GLY B 415 2.24 -24.26 -9.01
CA GLY B 415 2.40 -24.91 -10.30
C GLY B 415 1.16 -24.84 -11.17
N SER B 416 0.09 -24.20 -10.67
CA SER B 416 -1.17 -24.11 -11.39
C SER B 416 -1.07 -23.16 -12.59
N VAL B 417 -0.26 -22.09 -12.47
CA VAL B 417 -0.13 -21.08 -13.54
C VAL B 417 1.00 -21.51 -14.45
N ASP B 418 0.63 -22.07 -15.62
CA ASP B 418 1.50 -22.57 -16.69
C ASP B 418 2.60 -23.53 -16.16
N GLY B 419 2.32 -24.25 -15.07
CA GLY B 419 3.25 -25.21 -14.48
C GLY B 419 4.50 -24.61 -13.84
N LYS B 420 4.45 -23.32 -13.48
CA LYS B 420 5.58 -22.63 -12.85
C LYS B 420 5.42 -22.65 -11.34
N ASN B 421 6.44 -23.16 -10.64
CA ASN B 421 6.45 -23.28 -9.17
C ASN B 421 6.96 -21.98 -8.52
N PHE B 422 7.63 -21.14 -9.33
CA PHE B 422 8.22 -19.86 -8.90
C PHE B 422 7.83 -18.78 -9.87
N ASP B 423 7.52 -17.56 -9.33
CA ASP B 423 7.07 -16.41 -10.13
C ASP B 423 8.03 -16.16 -11.28
N PRO B 424 7.56 -16.31 -12.54
CA PRO B 424 8.45 -16.06 -13.69
C PRO B 424 8.75 -14.57 -13.87
N LEU B 425 7.91 -13.69 -13.28
CA LEU B 425 8.07 -12.25 -13.32
C LEU B 425 8.94 -11.73 -12.13
N ASP B 426 9.59 -12.64 -11.38
CA ASP B 426 10.51 -12.27 -10.30
C ASP B 426 11.79 -11.77 -10.95
N PRO B 427 12.20 -10.50 -10.67
CA PRO B 427 13.42 -9.98 -11.32
C PRO B 427 14.70 -10.63 -10.77
N THR B 428 14.67 -10.99 -9.47
CA THR B 428 15.75 -11.64 -8.75
C THR B 428 15.61 -13.16 -8.91
N PRO B 429 16.68 -13.91 -9.27
CA PRO B 429 16.53 -15.38 -9.38
C PRO B 429 16.35 -16.00 -7.99
N PHE B 430 15.56 -17.08 -7.93
CA PHE B 430 15.22 -17.81 -6.71
C PHE B 430 16.49 -18.14 -5.94
N LYS B 431 16.54 -17.64 -4.68
CA LYS B 431 17.65 -17.74 -3.72
C LYS B 431 17.66 -19.09 -2.96
N GLY B 432 16.68 -19.96 -3.23
CA GLY B 432 16.54 -21.21 -2.50
C GLY B 432 15.96 -21.00 -1.12
N ILE B 433 15.91 -22.07 -0.32
CA ILE B 433 15.35 -22.03 1.04
C ILE B 433 16.30 -22.75 1.98
N ASN B 434 16.64 -22.08 3.09
CA ASN B 434 17.50 -22.59 4.17
C ASN B 434 16.63 -23.41 5.13
N VAL B 435 16.18 -24.58 4.67
CA VAL B 435 15.28 -25.45 5.46
C VAL B 435 15.61 -26.92 5.20
N SER B 436 15.42 -27.75 6.22
CA SER B 436 15.67 -29.20 6.17
C SER B 436 14.48 -29.94 5.53
N SER B 437 13.23 -29.50 5.77
CA SER B 437 12.05 -30.18 5.21
C SER B 437 11.09 -29.22 4.50
N ILE B 438 10.60 -29.60 3.32
CA ILE B 438 9.65 -28.77 2.59
C ILE B 438 8.42 -29.62 2.31
N ASN B 439 7.27 -29.09 2.70
CA ASN B 439 5.99 -29.75 2.50
C ASN B 439 5.26 -29.05 1.36
N LEU B 440 5.31 -29.65 0.19
CA LEU B 440 4.67 -29.13 -1.01
C LEU B 440 3.51 -30.05 -1.44
N SER B 441 2.98 -30.86 -0.49
CA SER B 441 1.90 -31.81 -0.74
C SER B 441 0.60 -31.04 -1.05
N ASN B 442 -0.34 -31.70 -1.75
CA ASN B 442 -1.64 -31.14 -2.16
C ASN B 442 -1.49 -29.75 -2.86
N ASN B 443 -0.87 -29.76 -4.03
CA ASN B 443 -0.68 -28.59 -4.88
C ASN B 443 -0.97 -28.99 -6.33
N GLN B 444 -0.46 -28.22 -7.30
CA GLN B 444 -0.69 -28.52 -8.71
C GLN B 444 0.64 -28.54 -9.45
N ILE B 445 1.70 -29.07 -8.78
CA ILE B 445 3.07 -29.16 -9.31
C ILE B 445 3.15 -30.24 -10.42
N SER B 446 3.42 -29.82 -11.68
CA SER B 446 3.56 -30.74 -12.85
C SER B 446 5.01 -30.89 -13.33
N LYS B 447 5.89 -29.99 -12.86
CA LYS B 447 7.32 -29.92 -13.17
C LYS B 447 8.05 -29.98 -11.87
N PHE B 448 9.06 -30.85 -11.75
CA PHE B 448 9.86 -31.02 -10.55
C PHE B 448 10.55 -29.70 -10.15
N PRO B 449 10.43 -29.29 -8.87
CA PRO B 449 11.05 -28.01 -8.44
C PRO B 449 12.59 -28.12 -8.27
N LYS B 450 13.30 -28.24 -9.40
CA LYS B 450 14.77 -28.39 -9.50
C LYS B 450 15.51 -27.22 -8.84
N GLU B 451 14.96 -26.00 -8.95
CA GLU B 451 15.55 -24.77 -8.43
C GLU B 451 15.75 -24.83 -6.90
N LEU B 452 15.07 -25.76 -6.19
CA LEU B 452 15.30 -25.92 -4.76
C LEU B 452 16.66 -26.53 -4.51
N PHE B 453 17.04 -27.46 -5.39
CA PHE B 453 18.27 -28.22 -5.33
C PHE B 453 19.44 -27.49 -6.01
N SER B 454 19.20 -26.84 -7.19
CA SER B 454 20.27 -26.12 -7.87
C SER B 454 20.79 -24.94 -7.00
N THR B 455 19.93 -24.35 -6.16
CA THR B 455 20.33 -23.24 -5.27
C THR B 455 21.04 -23.75 -4.00
N GLY B 456 21.03 -25.08 -3.80
CA GLY B 456 21.68 -25.73 -2.67
C GLY B 456 20.94 -25.62 -1.36
N SER B 457 19.61 -25.85 -1.40
CA SER B 457 18.79 -25.85 -0.19
C SER B 457 19.18 -27.08 0.62
N PRO B 458 19.41 -26.94 1.95
CA PRO B 458 19.89 -28.09 2.74
C PRO B 458 18.73 -29.06 3.06
N LEU B 459 17.99 -29.47 2.04
CA LEU B 459 16.84 -30.34 2.16
C LEU B 459 17.20 -31.80 2.43
N SER B 460 16.75 -32.32 3.57
CA SER B 460 16.91 -33.72 3.96
C SER B 460 15.61 -34.52 3.64
N SER B 461 14.48 -33.81 3.46
CA SER B 461 13.18 -34.43 3.14
C SER B 461 12.29 -33.48 2.34
N ILE B 462 11.55 -34.05 1.40
CA ILE B 462 10.63 -33.32 0.54
C ILE B 462 9.31 -34.10 0.42
N ASN B 463 8.19 -33.39 0.52
CA ASN B 463 6.87 -33.96 0.37
C ASN B 463 6.23 -33.37 -0.84
N LEU B 464 6.11 -34.17 -1.91
CA LEU B 464 5.51 -33.75 -3.15
C LEU B 464 4.26 -34.54 -3.44
N GLY B 466 0.47 -35.75 -3.73
CA GLY B 466 -0.75 -35.09 -4.19
C GLY B 466 -0.51 -33.93 -5.12
N ASN B 467 0.17 -34.21 -6.22
CA ASN B 467 0.49 -33.21 -7.22
C ASN B 467 0.21 -33.75 -8.62
N LEU B 469 2.80 -34.48 -11.07
CA LEU B 469 4.01 -35.02 -11.68
C LEU B 469 3.70 -36.29 -12.47
N THR B 470 4.30 -36.39 -13.68
CA THR B 470 4.14 -37.52 -14.60
C THR B 470 5.50 -38.23 -14.77
N GLU B 471 6.59 -37.49 -14.54
CA GLU B 471 7.94 -38.03 -14.56
C GLU B 471 8.96 -37.04 -13.97
N ILE B 472 10.02 -37.59 -13.33
CA ILE B 472 11.17 -36.86 -12.77
C ILE B 472 12.32 -37.21 -13.74
N PRO B 473 12.48 -36.41 -14.83
CA PRO B 473 13.48 -36.77 -15.86
C PRO B 473 14.94 -36.57 -15.44
N LYS B 474 15.82 -36.95 -16.39
CA LYS B 474 17.28 -37.00 -16.38
C LYS B 474 17.90 -35.98 -15.42
N ASN B 475 17.85 -34.67 -15.68
CA ASN B 475 18.55 -33.78 -14.76
C ASN B 475 17.54 -32.95 -13.95
N SER B 476 17.05 -33.57 -12.87
CA SER B 476 16.06 -32.94 -11.98
C SER B 476 16.66 -32.66 -10.63
N LEU B 477 17.63 -33.48 -10.19
CA LEU B 477 18.31 -33.33 -8.88
C LEU B 477 19.79 -33.01 -9.06
N LYS B 478 20.24 -32.90 -10.31
CA LYS B 478 21.62 -32.57 -10.66
C LYS B 478 21.66 -32.01 -12.06
N ASP B 479 22.83 -31.46 -12.46
CA ASP B 479 23.15 -31.01 -13.80
C ASP B 479 23.89 -32.18 -14.49
N GLU B 480 23.89 -32.23 -15.83
CA GLU B 480 24.45 -33.34 -16.61
C GLU B 480 25.78 -33.91 -16.05
N ASN B 481 26.77 -33.05 -15.76
CA ASN B 481 28.06 -33.56 -15.32
C ASN B 481 28.50 -33.00 -13.95
N GLU B 482 27.54 -32.54 -13.14
CA GLU B 482 27.85 -32.02 -11.82
C GLU B 482 26.67 -32.17 -10.87
N ASN B 483 26.92 -32.64 -9.64
CA ASN B 483 25.90 -32.76 -8.60
C ASN B 483 25.79 -31.44 -7.86
N PHE B 484 24.68 -31.20 -7.14
CA PHE B 484 24.57 -29.96 -6.41
C PHE B 484 25.17 -30.13 -5.01
N LYS B 485 25.58 -29.00 -4.43
CA LYS B 485 26.23 -28.88 -3.12
C LYS B 485 25.57 -29.75 -2.04
N ASN B 486 24.23 -29.73 -1.90
CA ASN B 486 23.60 -30.41 -0.78
C ASN B 486 22.61 -31.55 -1.10
N THR B 487 22.47 -32.00 -2.35
CA THR B 487 21.54 -33.09 -2.67
C THR B 487 21.89 -34.42 -1.92
N TYR B 488 23.15 -34.56 -1.41
CA TYR B 488 23.60 -35.73 -0.67
C TYR B 488 22.82 -35.86 0.65
N LEU B 489 22.26 -34.73 1.15
CA LEU B 489 21.45 -34.62 2.37
C LEU B 489 20.05 -35.22 2.24
N LEU B 490 19.49 -35.31 1.03
CA LEU B 490 18.12 -35.80 0.80
C LEU B 490 17.98 -37.29 1.15
N THR B 491 17.30 -37.55 2.27
CA THR B 491 17.09 -38.91 2.79
C THR B 491 15.59 -39.35 2.75
N SER B 492 14.64 -38.43 2.50
CA SER B 492 13.22 -38.79 2.43
C SER B 492 12.53 -38.11 1.23
N ILE B 493 11.85 -38.90 0.41
CA ILE B 493 11.14 -38.41 -0.77
C ILE B 493 9.73 -39.01 -0.80
N ASP B 494 8.72 -38.15 -0.69
CA ASP B 494 7.33 -38.58 -0.71
C ASP B 494 6.68 -38.07 -1.94
N LEU B 495 6.39 -39.00 -2.86
CA LEU B 495 5.81 -38.73 -4.17
C LEU B 495 4.45 -39.43 -4.38
N ARG B 496 3.79 -39.85 -3.27
CA ARG B 496 2.49 -40.50 -3.34
C ARG B 496 1.47 -39.63 -4.07
N PHE B 497 0.47 -40.27 -4.69
CA PHE B 497 -0.65 -39.64 -5.38
C PHE B 497 -0.16 -38.61 -6.39
N ASN B 498 0.44 -39.13 -7.43
CA ASN B 498 0.86 -38.40 -8.59
C ASN B 498 0.50 -39.30 -9.77
N LYS B 499 1.04 -39.03 -10.95
CA LYS B 499 0.74 -39.83 -12.11
C LYS B 499 2.07 -40.25 -12.74
N LEU B 500 3.06 -40.55 -11.89
CA LEU B 500 4.42 -40.90 -12.28
C LEU B 500 4.53 -42.25 -13.00
N THR B 501 5.23 -42.26 -14.14
CA THR B 501 5.52 -43.45 -14.95
C THR B 501 7.03 -43.70 -15.06
N LYS B 502 7.84 -42.65 -14.82
CA LYS B 502 9.28 -42.73 -15.00
C LYS B 502 10.06 -41.88 -14.00
N LEU B 503 11.20 -42.41 -13.51
CA LEU B 503 12.15 -41.67 -12.68
C LEU B 503 13.40 -41.44 -13.57
N SER B 504 14.62 -41.40 -13.01
CA SER B 504 15.89 -41.19 -13.72
C SER B 504 17.02 -41.74 -12.90
N ASP B 505 18.26 -41.71 -13.41
CA ASP B 505 19.41 -42.21 -12.68
C ASP B 505 19.84 -41.23 -11.60
N ASP B 506 19.04 -40.14 -11.44
CA ASP B 506 19.17 -39.15 -10.39
C ASP B 506 18.89 -39.78 -9.05
N PHE B 507 18.23 -40.95 -9.02
CA PHE B 507 17.84 -41.59 -7.76
C PHE B 507 18.87 -42.65 -7.29
N ARG B 508 19.86 -42.96 -8.15
CA ARG B 508 20.94 -43.89 -7.82
C ARG B 508 21.88 -43.23 -6.78
N ALA B 509 22.69 -44.03 -6.07
CA ALA B 509 23.60 -43.60 -5.00
C ALA B 509 24.63 -42.55 -5.47
N THR B 510 24.76 -42.35 -6.81
CA THR B 510 25.70 -41.39 -7.39
C THR B 510 25.29 -39.93 -7.07
N THR B 511 23.99 -39.69 -6.86
CA THR B 511 23.50 -38.34 -6.58
C THR B 511 22.85 -38.31 -5.18
N LEU B 512 22.07 -39.39 -4.82
CA LEU B 512 21.38 -39.61 -3.54
C LEU B 512 22.05 -40.75 -2.72
N PRO B 513 23.30 -40.59 -2.26
CA PRO B 513 23.98 -41.70 -1.55
C PRO B 513 23.41 -42.09 -0.19
N TYR B 514 22.58 -41.23 0.42
CA TYR B 514 22.09 -41.48 1.77
C TYR B 514 20.55 -41.60 1.84
N LEU B 515 19.88 -41.90 0.71
CA LEU B 515 18.42 -42.06 0.68
C LEU B 515 17.96 -43.12 1.70
N VAL B 516 16.93 -42.82 2.50
CA VAL B 516 16.46 -43.75 3.53
C VAL B 516 15.04 -44.25 3.17
N GLY B 517 14.17 -43.33 2.77
CA GLY B 517 12.80 -43.64 2.42
C GLY B 517 12.31 -42.95 1.18
N ILE B 518 11.58 -43.71 0.39
CA ILE B 518 10.92 -43.22 -0.80
C ILE B 518 9.55 -43.88 -0.86
N ASP B 519 8.50 -43.03 -0.96
CA ASP B 519 7.15 -43.52 -1.17
C ASP B 519 6.64 -43.04 -2.53
N LEU B 520 6.42 -44.02 -3.43
CA LEU B 520 5.86 -43.85 -4.79
C LEU B 520 4.45 -44.49 -4.89
N SER B 521 3.80 -44.80 -3.75
CA SER B 521 2.49 -45.45 -3.78
C SER B 521 1.48 -44.57 -4.47
N TYR B 522 0.48 -45.18 -5.15
CA TYR B 522 -0.59 -44.50 -5.89
C TYR B 522 0.04 -43.61 -6.96
N ASN B 523 0.64 -44.25 -7.99
CA ASN B 523 1.27 -43.64 -9.15
C ASN B 523 0.96 -44.51 -10.39
N SER B 524 1.69 -44.34 -11.49
CA SER B 524 1.31 -45.06 -12.72
C SER B 524 2.44 -45.87 -13.32
N PHE B 525 3.38 -46.33 -12.51
CA PHE B 525 4.49 -47.17 -12.98
C PHE B 525 4.00 -48.50 -13.50
N SER B 526 4.46 -48.87 -14.68
CA SER B 526 4.22 -50.18 -15.32
C SER B 526 5.58 -50.93 -15.37
N LYS B 527 6.68 -50.14 -15.40
CA LYS B 527 8.08 -50.55 -15.35
C LYS B 527 8.62 -50.12 -14.01
N PHE B 528 9.12 -51.07 -13.21
CA PHE B 528 9.59 -50.80 -11.86
C PHE B 528 10.73 -49.75 -11.81
N PRO B 529 10.55 -48.65 -11.04
CA PRO B 529 11.65 -47.67 -10.90
C PRO B 529 12.70 -48.24 -9.93
N THR B 530 13.67 -48.97 -10.50
CA THR B 530 14.68 -49.64 -9.71
C THR B 530 15.77 -48.67 -9.23
N GLN B 531 15.90 -47.47 -9.85
CA GLN B 531 16.96 -46.49 -9.56
C GLN B 531 17.10 -46.19 -8.04
N PRO B 532 16.04 -45.92 -7.25
CA PRO B 532 16.26 -45.63 -5.81
C PRO B 532 16.74 -46.85 -5.01
N LEU B 533 16.77 -48.06 -5.62
CA LEU B 533 17.23 -49.30 -4.94
C LEU B 533 18.75 -49.42 -4.92
N ASN B 534 19.47 -48.51 -5.62
CA ASN B 534 20.94 -48.45 -5.70
C ASN B 534 21.57 -48.00 -4.38
N SER B 535 20.80 -47.34 -3.53
CA SER B 535 21.23 -46.86 -2.22
C SER B 535 21.54 -48.03 -1.26
N SER B 536 22.64 -47.89 -0.52
CA SER B 536 23.05 -48.85 0.49
C SER B 536 22.40 -48.52 1.84
N THR B 537 21.77 -47.32 1.95
CA THR B 537 21.14 -46.80 3.19
C THR B 537 19.60 -46.93 3.21
N LEU B 538 18.96 -47.17 2.05
CA LEU B 538 17.51 -47.29 1.87
C LEU B 538 16.91 -48.30 2.82
N LYS B 539 15.97 -47.84 3.66
CA LYS B 539 15.27 -48.62 4.67
C LYS B 539 13.85 -49.00 4.24
N GLY B 540 13.17 -48.10 3.53
CA GLY B 540 11.79 -48.34 3.09
C GLY B 540 11.44 -47.89 1.68
N PHE B 541 10.62 -48.71 0.99
CA PHE B 541 10.16 -48.48 -0.37
C PHE B 541 8.68 -48.79 -0.49
N GLY B 542 7.91 -47.83 -1.00
CA GLY B 542 6.48 -47.96 -1.20
C GLY B 542 6.08 -47.79 -2.66
N ILE B 543 5.40 -48.79 -3.24
CA ILE B 543 5.04 -48.76 -4.65
C ILE B 543 3.63 -49.38 -4.79
N ARG B 544 2.83 -49.25 -3.73
CA ARG B 544 1.44 -49.73 -3.63
C ARG B 544 0.52 -49.05 -4.67
N ASN B 545 -0.62 -49.71 -4.96
CA ASN B 545 -1.73 -49.24 -5.80
C ASN B 545 -1.32 -48.49 -7.10
N GLN B 546 -0.51 -49.10 -7.97
CA GLN B 546 -0.15 -48.47 -9.25
C GLN B 546 -1.30 -48.62 -10.25
N ARG B 547 -1.83 -47.50 -10.73
CA ARG B 547 -2.99 -47.45 -11.61
C ARG B 547 -2.80 -46.46 -12.77
N ASP B 548 -3.45 -46.70 -13.91
CA ASP B 548 -3.41 -45.74 -15.02
C ASP B 548 -4.69 -44.90 -14.98
N ALA B 549 -4.90 -44.03 -15.97
CA ALA B 549 -6.08 -43.17 -16.03
C ALA B 549 -7.40 -43.99 -16.08
N GLN B 550 -7.37 -45.16 -16.75
CA GLN B 550 -8.50 -46.05 -16.94
C GLN B 550 -8.73 -46.99 -15.71
N GLY B 551 -7.87 -46.88 -14.69
CA GLY B 551 -7.96 -47.67 -13.46
C GLY B 551 -7.41 -49.09 -13.52
N ASN B 552 -6.55 -49.34 -14.51
CA ASN B 552 -5.92 -50.64 -14.69
C ASN B 552 -4.68 -50.72 -13.83
N ARG B 553 -4.37 -51.92 -13.33
CA ARG B 553 -3.21 -52.21 -12.49
C ARG B 553 -2.00 -52.33 -13.40
N THR B 554 -1.18 -51.27 -13.42
CA THR B 554 -0.01 -51.13 -14.29
C THR B 554 1.21 -51.96 -13.84
N LEU B 555 1.48 -52.09 -12.51
CA LEU B 555 2.69 -52.79 -12.06
C LEU B 555 2.50 -54.30 -11.93
N ARG B 556 3.15 -55.03 -12.85
CA ARG B 556 3.15 -56.49 -12.91
C ARG B 556 4.54 -57.02 -12.57
N GLU B 557 5.59 -56.17 -12.72
CA GLU B 557 7.01 -56.46 -12.55
C GLU B 557 7.49 -56.41 -11.08
N TRP B 558 8.06 -57.54 -10.59
CA TRP B 558 8.67 -57.61 -9.27
C TRP B 558 10.10 -57.05 -9.37
N PRO B 559 10.57 -56.21 -8.41
CA PRO B 559 11.95 -55.71 -8.50
C PRO B 559 12.97 -56.81 -8.13
N GLU B 560 13.30 -57.67 -9.12
CA GLU B 560 14.26 -58.77 -8.86
C GLU B 560 15.59 -58.17 -8.43
N GLY B 561 16.08 -58.65 -7.30
CA GLY B 561 17.31 -58.17 -6.70
C GLY B 561 17.10 -57.31 -5.47
N ILE B 562 15.84 -56.93 -5.17
CA ILE B 562 15.51 -56.08 -4.01
C ILE B 562 15.95 -56.77 -2.68
N THR B 563 16.03 -58.12 -2.64
CA THR B 563 16.47 -58.80 -1.42
C THR B 563 17.96 -58.50 -1.13
N LEU B 564 18.66 -57.93 -2.13
CA LEU B 564 20.06 -57.58 -2.00
C LEU B 564 20.25 -56.12 -1.51
N CYS B 565 19.15 -55.39 -1.17
CA CYS B 565 19.25 -54.04 -0.60
C CYS B 565 19.69 -54.21 0.86
N PRO B 566 20.96 -53.82 1.17
CA PRO B 566 21.53 -54.15 2.48
C PRO B 566 20.74 -53.58 3.67
N SER B 567 20.17 -52.38 3.53
CA SER B 567 19.47 -51.76 4.64
C SER B 567 17.94 -51.90 4.58
N LEU B 568 17.37 -52.37 3.45
CA LEU B 568 15.92 -52.43 3.28
C LEU B 568 15.25 -53.39 4.25
N THR B 569 14.28 -52.86 5.05
CA THR B 569 13.54 -53.67 6.02
C THR B 569 12.04 -53.60 5.78
N GLN B 570 11.56 -52.67 4.93
CA GLN B 570 10.13 -52.57 4.68
C GLN B 570 9.85 -52.31 3.19
N LEU B 571 9.07 -53.22 2.58
CA LEU B 571 8.67 -53.13 1.18
C LEU B 571 7.17 -53.23 1.08
N GLN B 572 6.56 -52.22 0.50
CA GLN B 572 5.13 -52.15 0.27
C GLN B 572 4.87 -52.23 -1.21
N ILE B 573 4.34 -53.37 -1.69
CA ILE B 573 4.06 -53.59 -3.12
C ILE B 573 2.62 -54.13 -3.30
N GLY B 574 1.79 -53.99 -2.26
CA GLY B 574 0.42 -54.45 -2.30
C GLY B 574 -0.48 -53.70 -3.27
N SER B 575 -1.61 -54.33 -3.61
CA SER B 575 -2.68 -53.83 -4.48
C SER B 575 -2.10 -53.44 -5.87
N ASN B 576 -1.40 -54.39 -6.47
CA ASN B 576 -0.84 -54.29 -7.81
C ASN B 576 -1.24 -55.55 -8.56
N ASP B 577 -0.43 -55.96 -9.56
CA ASP B 577 -0.68 -57.19 -10.29
C ASP B 577 0.64 -57.95 -10.46
N ILE B 578 1.41 -58.03 -9.36
CA ILE B 578 2.70 -58.72 -9.35
C ILE B 578 2.47 -60.20 -9.66
N ARG B 579 3.33 -60.75 -10.51
CA ARG B 579 3.27 -62.13 -10.99
C ARG B 579 4.35 -62.99 -10.29
N LYS B 580 5.30 -63.52 -11.05
CA LYS B 580 6.34 -64.41 -10.53
C LYS B 580 7.46 -63.63 -9.84
N VAL B 581 7.75 -64.05 -8.59
CA VAL B 581 8.81 -63.55 -7.73
C VAL B 581 9.85 -64.69 -7.67
N ASN B 582 11.00 -64.51 -8.34
CA ASN B 582 12.01 -65.55 -8.46
C ASN B 582 12.81 -65.72 -7.18
N GLU B 583 13.41 -64.63 -6.64
CA GLU B 583 14.22 -64.66 -5.42
C GLU B 583 13.38 -65.03 -4.20
N LYS B 584 13.93 -65.86 -3.31
CA LYS B 584 13.31 -66.20 -2.03
C LYS B 584 13.38 -64.95 -1.15
N ILE B 585 12.26 -64.60 -0.47
CA ILE B 585 12.26 -63.42 0.38
C ILE B 585 13.20 -63.69 1.56
N THR B 586 14.01 -62.68 1.90
CA THR B 586 14.99 -62.72 2.96
C THR B 586 14.39 -62.15 4.26
N PRO B 587 14.80 -62.69 5.44
CA PRO B 587 14.22 -62.22 6.72
C PRO B 587 14.48 -60.73 7.04
N ASN B 588 15.51 -60.09 6.42
CA ASN B 588 15.81 -58.67 6.68
C ASN B 588 14.65 -57.78 6.22
N ILE B 589 13.87 -58.21 5.20
CA ILE B 589 12.69 -57.41 4.81
C ILE B 589 11.58 -57.90 5.74
N SER B 590 11.62 -57.41 7.01
CA SER B 590 10.77 -57.82 8.15
C SER B 590 9.36 -57.24 8.07
N VAL B 591 9.11 -56.23 7.19
CA VAL B 591 7.76 -55.70 6.97
C VAL B 591 7.50 -55.78 5.46
N LEU B 592 6.68 -56.75 5.04
CA LEU B 592 6.40 -56.94 3.62
C LEU B 592 4.91 -56.98 3.37
N ASP B 593 4.45 -56.02 2.55
CA ASP B 593 3.07 -55.94 2.11
C ASP B 593 2.98 -56.41 0.67
N ILE B 594 2.38 -57.59 0.46
CA ILE B 594 2.14 -58.15 -0.86
C ILE B 594 0.63 -58.37 -1.07
N LYS B 595 -0.19 -57.88 -0.10
CA LYS B 595 -1.63 -58.10 -0.08
C LYS B 595 -2.29 -57.54 -1.33
N ASP B 596 -3.30 -58.26 -1.85
CA ASP B 596 -4.06 -57.92 -3.04
C ASP B 596 -3.13 -57.87 -4.27
N ASN B 597 -2.60 -59.03 -4.60
CA ASN B 597 -1.77 -59.32 -5.79
C ASN B 597 -2.21 -60.70 -6.19
N PRO B 598 -3.45 -60.84 -6.70
CA PRO B 598 -4.02 -62.17 -6.93
C PRO B 598 -3.23 -63.10 -7.86
N ASN B 599 -2.29 -62.58 -8.67
CA ASN B 599 -1.58 -63.47 -9.58
C ASN B 599 -0.10 -63.64 -9.20
N ILE B 600 0.24 -63.32 -7.92
CA ILE B 600 1.60 -63.42 -7.39
C ILE B 600 2.00 -64.91 -7.21
N SER B 601 3.30 -65.18 -7.30
CA SER B 601 3.93 -66.47 -7.08
C SER B 601 5.24 -66.16 -6.36
N ILE B 602 5.21 -66.28 -5.00
CA ILE B 602 6.29 -65.92 -4.08
C ILE B 602 6.59 -67.08 -3.10
N ASP B 603 7.89 -67.29 -2.85
CA ASP B 603 8.45 -68.30 -1.94
C ASP B 603 8.89 -67.60 -0.64
N LEU B 604 8.18 -67.87 0.46
CA LEU B 604 8.46 -67.27 1.76
C LEU B 604 9.12 -68.28 2.75
N SER B 605 9.83 -69.28 2.20
CA SER B 605 10.48 -70.34 2.97
C SER B 605 11.37 -69.84 4.08
N TYR B 606 12.17 -68.79 3.80
CA TYR B 606 13.17 -68.24 4.70
C TYR B 606 12.55 -67.34 5.78
N VAL B 607 11.42 -66.71 5.47
CA VAL B 607 10.79 -65.79 6.42
C VAL B 607 9.76 -66.52 7.31
N CYS B 608 9.38 -67.77 6.94
CA CYS B 608 8.40 -68.57 7.66
C CYS B 608 8.76 -68.72 9.17
N PRO B 609 9.96 -69.24 9.58
CA PRO B 609 10.23 -69.36 11.03
C PRO B 609 10.16 -68.03 11.78
N TYR B 610 10.38 -66.92 11.07
CA TYR B 610 10.28 -65.57 11.62
C TYR B 610 8.83 -65.18 11.80
N ILE B 611 7.95 -65.65 10.89
CA ILE B 611 6.51 -65.41 10.92
C ILE B 611 5.95 -66.11 12.17
N GLU B 612 6.21 -67.43 12.29
CA GLU B 612 5.75 -68.29 13.40
C GLU B 612 6.23 -67.76 14.76
N ALA B 613 7.43 -67.14 14.82
CA ALA B 613 8.02 -66.58 16.04
C ALA B 613 7.45 -65.20 16.37
N GLY B 614 6.60 -64.66 15.48
CA GLY B 614 6.02 -63.32 15.61
C GLY B 614 7.09 -62.25 15.46
N TYR B 616 8.10 -61.29 12.30
CA TYR B 616 7.84 -60.86 10.94
C TYR B 616 6.46 -60.20 10.82
N LEU B 618 3.81 -59.65 7.81
CA LEU B 618 3.39 -59.91 6.43
C LEU B 618 1.92 -59.62 6.20
N PHE B 619 1.64 -58.80 5.17
CA PHE B 619 0.30 -58.45 4.70
C PHE B 619 0.05 -59.26 3.45
N TYR B 620 -0.92 -60.17 3.51
CA TYR B 620 -1.18 -61.12 2.42
C TYR B 620 -2.63 -61.61 2.42
N ASP B 621 -2.98 -62.39 1.38
CA ASP B 621 -4.27 -63.06 1.22
C ASP B 621 -4.04 -64.53 1.19
N LYS B 622 -4.83 -65.31 1.95
CA LYS B 622 -4.68 -66.78 2.00
C LYS B 622 -4.95 -67.42 0.62
N THR B 623 -5.56 -66.65 -0.29
CA THR B 623 -5.87 -67.07 -1.67
C THR B 623 -4.66 -66.91 -2.62
N GLN B 624 -3.59 -66.22 -2.16
CA GLN B 624 -2.40 -65.98 -2.98
C GLN B 624 -1.53 -67.24 -3.06
N ASP B 625 -0.78 -67.39 -4.17
CA ASP B 625 0.12 -68.53 -4.40
C ASP B 625 1.46 -68.29 -3.63
N ILE B 626 1.40 -68.49 -2.30
CA ILE B 626 2.54 -68.34 -1.39
C ILE B 626 3.10 -69.73 -1.07
N ARG B 627 4.39 -69.92 -1.34
CA ARG B 627 5.04 -71.20 -1.07
C ARG B 627 5.98 -71.10 0.12
N GLY B 628 6.21 -72.23 0.77
CA GLY B 628 7.15 -72.39 1.87
C GLY B 628 6.71 -72.07 3.28
N CYS B 629 5.41 -71.86 3.50
CA CYS B 629 4.91 -71.51 4.84
C CYS B 629 3.49 -72.03 5.03
N ASP B 630 3.37 -73.22 5.63
CA ASP B 630 2.08 -73.87 5.87
C ASP B 630 1.27 -73.11 6.91
N ALA B 631 1.98 -72.52 7.89
CA ALA B 631 1.43 -71.75 9.01
C ALA B 631 0.59 -70.54 8.58
N LEU B 632 0.60 -70.21 7.27
CA LEU B 632 -0.13 -69.06 6.74
C LEU B 632 -1.55 -69.43 6.31
N ASP B 633 -1.92 -70.75 6.34
CA ASP B 633 -3.24 -71.28 6.00
C ASP B 633 -3.60 -70.86 4.55
N ILE B 634 -2.72 -71.22 3.59
CA ILE B 634 -2.91 -70.91 2.17
C ILE B 634 -4.02 -71.84 1.62
N LYS B 635 -5.13 -71.24 1.16
CA LYS B 635 -6.30 -71.94 0.62
C LYS B 635 -5.96 -72.68 -0.68
#